data_8W9B
#
_entry.id   8W9B
#
_cell.length_a   1.00
_cell.length_b   1.00
_cell.length_c   1.00
_cell.angle_alpha   90.00
_cell.angle_beta   90.00
_cell.angle_gamma   90.00
#
_symmetry.space_group_name_H-M   'P 1'
#
loop_
_entity.id
_entity.type
_entity.pdbx_description
1 polymer 'Phosphatidylinositol 4,5-bisphosphate 3-kinase catalytic subunit alpha isoform'
2 polymer 'Phosphatidylinositol 3-kinase regulatory subunit alpha'
3 non-polymer 1-[(1S)-1-(5-fluoranyl-3-methyl-1-benzofuran-2-yl)-2-methyl-propyl]-3-(1-oxidanylidene-2,3-dihydroisoindol-5-yl)urea
#
loop_
_entity_poly.entity_id
_entity_poly.type
_entity_poly.pdbx_seq_one_letter_code
_entity_poly.pdbx_strand_id
1 'polypeptide(L)'
;MPPRPSSGELWGIHLMPPRILVECLLPNGMIVTLECLREATLITIKHELFKEARKYPLHQLLQDESSYIFVSVTQEAERE
EFFDETRRLCDLRLFQPFLKVIEPVGNREEKILNREIGFAIGMPVCEFDMVKDPEVQDFRRNILNVCKEAVDLRDLNSPH
SRAMYVYPPNVESSPELPKHIYNKLDKGQIIVVIWVIVSPNNDKQKYTLKINHDCVPEQVIAEAIRKKTRSMLLSSEQLK
LCVLEYQGKYILKVCGCDEYFLEKYPLSQYKYIRSCIMLGRMPNLMLMAKESLYSQLPMDCFTMPSYSRRISTATPYMNG
ETSTKSLWVINSALRIKILCATYVNVNIRDIDKIYVRTGIYHGGEPLCDNVNTQRVPCSNPRWNEWLNYDIYIPDLPRAA
RLCLSICSVKGRKGAKEEHCPLAWGNINLFDYTDTLVSGKMALNLWPVPHGLEDLLNPIGVTGSNPNKETPCLELEFDWF
SSVVKFPDMSVIEEHANWSVSREAGFSYSHAGLSNRLARDNELRENDKEQLKAISTRDPLSEITEQEKDFLWSHRHYCVT
IPEILPKLLLSVKWNSRDEVAQMYCLVKDWPPIKPEQAMELLDCNYPDPMVRGFAVRCLEKYLTDDKLSQYLIQLVQVLK
YEQYLDNLLVRFLLKKALTNQRIGHFFFWHLKSEMHNKTVSQRFGLLLESYCRACGMYLKHLNRQVEAMEKLINLTDILK
QEKKDETQKVQMKFLVEQMRRPDFMDALQGFLSPLNPAHQLGNLRLEECRIMSSAKRPLWLNWENPDIMSELLFQNNEII
FKNGDDLRQDMLTLQIIRIMENIWQNQGLDLRMLPYGCLSIGDCVGLIEVVRNSHTIMQIQCKGGLKGALQFNSHTLHQW
LKDKNKGEIYDAAIDLFTRSCAGYCVATFILGIGDRHNSNIMVKDDGQLFHIDFGHFLDHKKKKFGYKRERVPFVLTQDF
LIVISKGAQECTKTREFERFQEMCYKAYLAIRQHANLFINLFSMMLGSGMPELQSFDDIAYIRKTLALDKTEQEALEYFM
KQMNDARHGGWTTKMDAAAHTIKQHALN
;
A
2 'polypeptide(L)'
;MNNNMSLQDAEWYWGDISREEVNEKLRDTADGTFLVRDASTKMHGDYTLTLRKGGNNKLIKIFHRDGKYGFSDPLTFSSV
VELINHYRNESLAQYNPKLDVKLLYPVSKYQQDQVVKEDNIEAVGKKLHEYNTQFQEKSREYDRLYEEYTRTSQEIQMKR
TAIEAFNETIKIFEEQCQTQERYSKEYIEKFKREGNEKEIQRIMHNYDKLKSRISEIIDSRRRLEEDLKKQAAEYREIDK
RMNSIKPDLIQLRKTRDQYLMWLTQKGVRQKKLNEWLGN
;
B
#
loop_
_chem_comp.id
_chem_comp.type
_chem_comp.name
_chem_comp.formula
UJ3 non-polymer 1-[(1S)-1-(5-fluoranyl-3-methyl-1-benzofuran-2-yl)-2-methyl-propyl]-3-(1-oxidanylidene-2,3-dihydroisoindol-5-yl)urea 'C22 H22 F N3 O3'
#
# COMPACT_ATOMS: atom_id res chain seq x y z
N LEU A 21 -26.41 -24.19 -27.46
CA LEU A 21 -26.85 -25.48 -26.94
C LEU A 21 -26.41 -25.69 -25.49
N VAL A 22 -27.37 -26.00 -24.63
CA VAL A 22 -27.09 -26.31 -23.23
C VAL A 22 -27.57 -27.72 -22.94
N GLU A 23 -26.77 -28.46 -22.18
CA GLU A 23 -27.11 -29.82 -21.75
C GLU A 23 -27.66 -29.75 -20.34
N CYS A 24 -28.94 -30.07 -20.19
CA CYS A 24 -29.55 -30.10 -18.87
C CYS A 24 -29.48 -31.52 -18.30
N LEU A 25 -29.47 -31.59 -16.97
CA LEU A 25 -29.41 -32.86 -16.25
C LEU A 25 -30.64 -32.96 -15.36
N LEU A 26 -31.64 -33.71 -15.80
CA LEU A 26 -32.92 -33.78 -15.12
C LEU A 26 -32.81 -34.60 -13.83
N PRO A 27 -33.80 -34.50 -12.95
CA PRO A 27 -33.78 -35.26 -11.70
C PRO A 27 -34.20 -36.72 -11.83
N ASN A 28 -34.30 -37.25 -13.04
CA ASN A 28 -34.70 -38.64 -13.24
C ASN A 28 -33.76 -39.37 -14.20
N GLY A 29 -32.48 -38.98 -14.23
CA GLY A 29 -31.52 -39.65 -15.07
C GLY A 29 -31.66 -39.38 -16.55
N MET A 30 -32.25 -38.25 -16.92
CA MET A 30 -32.40 -37.88 -18.32
C MET A 30 -31.35 -36.84 -18.70
N ILE A 31 -31.29 -36.53 -19.99
CA ILE A 31 -30.40 -35.48 -20.49
C ILE A 31 -31.05 -34.87 -21.72
N VAL A 32 -31.18 -33.54 -21.71
CA VAL A 32 -31.87 -32.81 -22.77
C VAL A 32 -30.90 -31.79 -23.36
N THR A 33 -30.92 -31.68 -24.69
CA THR A 33 -30.10 -30.71 -25.42
C THR A 33 -31.03 -29.59 -25.88
N LEU A 34 -30.96 -28.45 -25.19
CA LEU A 34 -31.85 -27.33 -25.42
C LEU A 34 -31.08 -26.18 -26.08
N GLU A 35 -31.63 -25.67 -27.19
CA GLU A 35 -31.05 -24.54 -27.89
C GLU A 35 -31.39 -23.25 -27.16
N CYS A 36 -30.39 -22.38 -27.01
CA CYS A 36 -30.50 -21.24 -26.12
C CYS A 36 -30.02 -19.96 -26.80
N LEU A 37 -30.48 -18.84 -26.25
CA LEU A 37 -29.99 -17.52 -26.63
C LEU A 37 -29.32 -16.87 -25.43
N ARG A 38 -28.32 -16.03 -25.71
CA ARG A 38 -27.41 -15.52 -24.68
C ARG A 38 -28.01 -14.38 -23.85
N GLU A 39 -29.32 -14.16 -23.90
CA GLU A 39 -29.98 -13.20 -23.03
C GLU A 39 -31.15 -13.79 -22.26
N ALA A 40 -31.40 -15.09 -22.39
CA ALA A 40 -32.51 -15.72 -21.68
C ALA A 40 -32.22 -15.76 -20.17
N THR A 41 -33.26 -15.56 -19.38
CA THR A 41 -33.16 -15.65 -17.94
C THR A 41 -33.33 -17.10 -17.50
N LEU A 42 -33.28 -17.33 -16.18
CA LEU A 42 -33.41 -18.67 -15.65
C LEU A 42 -34.84 -19.20 -15.74
N ILE A 43 -35.84 -18.31 -15.80
CA ILE A 43 -37.22 -18.76 -15.92
C ILE A 43 -37.49 -19.26 -17.34
N THR A 44 -37.20 -18.41 -18.34
CA THR A 44 -37.43 -18.77 -19.73
C THR A 44 -36.58 -19.96 -20.18
N ILE A 45 -35.52 -20.30 -19.44
CA ILE A 45 -34.77 -21.53 -19.70
C ILE A 45 -35.29 -22.71 -18.89
N LYS A 46 -35.96 -22.45 -17.76
CA LYS A 46 -36.44 -23.50 -16.87
C LYS A 46 -37.89 -23.86 -17.13
N HIS A 47 -38.78 -22.87 -17.18
CA HIS A 47 -40.19 -23.12 -17.46
C HIS A 47 -40.39 -23.75 -18.82
N GLU A 48 -39.49 -23.50 -19.77
CA GLU A 48 -39.51 -24.17 -21.06
C GLU A 48 -38.83 -25.54 -21.01
N LEU A 49 -37.99 -25.77 -20.01
CA LEU A 49 -37.28 -27.05 -19.92
C LEU A 49 -38.25 -28.20 -19.66
N PHE A 50 -39.16 -28.04 -18.71
CA PHE A 50 -40.06 -29.13 -18.35
C PHE A 50 -41.16 -29.36 -19.38
N LYS A 51 -41.31 -28.49 -20.37
CA LYS A 51 -42.19 -28.78 -21.50
C LYS A 51 -41.48 -29.55 -22.61
N GLU A 52 -40.14 -29.53 -22.62
CA GLU A 52 -39.39 -30.36 -23.54
C GLU A 52 -39.31 -31.80 -23.08
N ALA A 53 -39.53 -32.06 -21.78
CA ALA A 53 -39.39 -33.40 -21.23
C ALA A 53 -40.56 -34.32 -21.57
N ARG A 54 -41.55 -33.84 -22.32
CA ARG A 54 -42.66 -34.70 -22.70
C ARG A 54 -42.23 -35.81 -23.65
N LYS A 55 -41.28 -35.51 -24.55
CA LYS A 55 -40.89 -36.44 -25.60
C LYS A 55 -39.70 -37.30 -25.20
N TYR A 56 -39.49 -37.49 -23.90
CA TYR A 56 -38.44 -38.34 -23.35
C TYR A 56 -39.07 -39.34 -22.39
N PRO A 57 -38.40 -40.48 -22.17
CA PRO A 57 -39.10 -41.66 -21.62
C PRO A 57 -39.75 -41.48 -20.25
N LEU A 58 -38.98 -41.12 -19.23
CA LEU A 58 -39.50 -41.11 -17.86
C LEU A 58 -39.90 -39.68 -17.48
N HIS A 59 -40.94 -39.20 -18.15
CA HIS A 59 -41.44 -37.84 -17.96
C HIS A 59 -42.48 -37.74 -16.86
N GLN A 60 -43.01 -38.87 -16.37
CA GLN A 60 -44.07 -38.84 -15.37
C GLN A 60 -43.57 -38.83 -13.94
N LEU A 61 -42.29 -39.15 -13.70
CA LEU A 61 -41.72 -39.04 -12.38
C LEU A 61 -41.15 -37.66 -12.09
N LEU A 62 -41.00 -36.82 -13.10
CA LEU A 62 -40.63 -35.44 -12.89
C LEU A 62 -41.74 -34.69 -12.15
N GLN A 63 -41.43 -33.48 -11.70
CA GLN A 63 -42.38 -32.67 -10.96
C GLN A 63 -42.54 -31.35 -11.70
N ASP A 64 -43.35 -30.46 -11.13
CA ASP A 64 -43.59 -29.16 -11.74
C ASP A 64 -42.32 -28.30 -11.68
N GLU A 65 -42.38 -27.16 -12.36
CA GLU A 65 -41.22 -26.27 -12.43
C GLU A 65 -40.83 -25.75 -11.06
N SER A 66 -41.80 -25.56 -10.17
CA SER A 66 -41.50 -25.13 -8.81
C SER A 66 -40.77 -26.23 -8.06
N SER A 67 -40.12 -25.83 -6.96
CA SER A 67 -39.37 -26.75 -6.09
C SER A 67 -38.16 -27.34 -6.80
N TYR A 68 -37.55 -26.56 -7.70
CA TYR A 68 -36.34 -26.99 -8.39
C TYR A 68 -35.51 -25.77 -8.73
N ILE A 69 -34.19 -25.94 -8.68
CA ILE A 69 -33.25 -24.90 -9.08
C ILE A 69 -32.16 -25.50 -9.95
N PHE A 70 -31.19 -24.69 -10.34
CA PHE A 70 -30.06 -25.16 -11.14
C PHE A 70 -28.83 -25.29 -10.26
N VAL A 71 -27.75 -25.78 -10.85
CA VAL A 71 -26.46 -25.87 -10.19
C VAL A 71 -25.42 -26.12 -11.29
N SER A 72 -24.23 -25.54 -11.13
CA SER A 72 -23.22 -25.63 -12.17
C SER A 72 -21.90 -25.11 -11.61
N VAL A 73 -20.85 -25.29 -12.40
CA VAL A 73 -19.52 -24.81 -12.07
C VAL A 73 -19.24 -23.55 -12.86
N THR A 74 -18.48 -22.64 -12.26
CA THR A 74 -18.22 -21.34 -12.88
C THR A 74 -16.75 -21.16 -13.19
N GLN A 75 -16.37 -19.95 -13.60
CA GLN A 75 -14.97 -19.65 -13.87
C GLN A 75 -14.09 -19.90 -12.66
N GLU A 76 -14.65 -19.73 -11.46
CA GLU A 76 -13.93 -19.88 -10.21
C GLU A 76 -13.98 -21.30 -9.66
N ALA A 77 -14.44 -22.26 -10.46
CA ALA A 77 -14.47 -23.68 -10.10
C ALA A 77 -15.32 -23.91 -8.84
N GLU A 78 -16.46 -23.22 -8.81
CA GLU A 78 -17.37 -23.29 -7.67
C GLU A 78 -18.59 -24.13 -8.02
N ARG A 79 -19.14 -24.80 -7.01
CA ARG A 79 -20.39 -25.54 -7.14
C ARG A 79 -21.53 -24.65 -6.65
N GLU A 80 -21.83 -23.64 -7.46
CA GLU A 80 -22.85 -22.65 -7.12
C GLU A 80 -24.23 -23.14 -7.53
N GLU A 81 -25.23 -22.82 -6.72
CA GLU A 81 -26.62 -23.08 -7.04
C GLU A 81 -27.37 -21.76 -7.18
N PHE A 82 -28.41 -21.78 -8.01
CA PHE A 82 -29.04 -20.56 -8.51
C PHE A 82 -30.44 -20.41 -7.89
N PHE A 83 -30.50 -19.78 -6.72
CA PHE A 83 -31.77 -19.37 -6.12
C PHE A 83 -32.39 -18.15 -6.80
N ASP A 84 -31.61 -17.44 -7.61
CA ASP A 84 -32.04 -16.16 -8.20
C ASP A 84 -32.27 -16.39 -9.68
N GLU A 85 -33.50 -16.74 -10.04
CA GLU A 85 -33.86 -17.06 -11.42
C GLU A 85 -33.95 -15.83 -12.31
N THR A 86 -33.94 -14.63 -11.75
CA THR A 86 -33.99 -13.43 -12.57
C THR A 86 -32.67 -13.17 -13.31
N ARG A 87 -31.58 -13.79 -12.87
CA ARG A 87 -30.32 -13.68 -13.58
C ARG A 87 -30.43 -14.34 -14.95
N ARG A 88 -29.59 -13.90 -15.87
CA ARG A 88 -29.63 -14.37 -17.25
C ARG A 88 -28.42 -15.27 -17.54
N LEU A 89 -28.33 -15.72 -18.79
CA LEU A 89 -27.37 -16.76 -19.13
C LEU A 89 -25.94 -16.27 -19.05
N CYS A 90 -25.61 -15.20 -19.78
CA CYS A 90 -24.23 -14.71 -19.80
C CYS A 90 -23.80 -14.18 -18.43
N ASP A 91 -24.76 -13.84 -17.58
CA ASP A 91 -24.45 -13.26 -16.27
C ASP A 91 -23.96 -14.32 -15.28
N LEU A 92 -23.88 -15.59 -15.69
CA LEU A 92 -23.60 -16.66 -14.74
C LEU A 92 -22.10 -16.97 -14.66
N ARG A 93 -21.36 -16.77 -15.74
CA ARG A 93 -19.93 -17.09 -15.78
C ARG A 93 -19.69 -18.59 -15.65
N LEU A 94 -20.38 -19.37 -16.49
CA LEU A 94 -20.23 -20.81 -16.46
C LEU A 94 -18.91 -21.24 -17.09
N PHE A 95 -18.59 -22.53 -16.94
CA PHE A 95 -17.36 -23.09 -17.48
C PHE A 95 -17.59 -23.86 -18.77
N GLN A 96 -18.55 -24.79 -18.78
CA GLN A 96 -19.16 -25.25 -20.02
C GLN A 96 -20.67 -25.21 -19.84
N PRO A 97 -21.42 -25.16 -20.93
CA PRO A 97 -22.88 -25.03 -20.83
C PRO A 97 -23.58 -26.33 -20.45
N PHE A 98 -23.64 -26.62 -19.15
CA PHE A 98 -24.46 -27.72 -18.65
C PHE A 98 -25.31 -27.19 -17.51
N LEU A 99 -26.11 -28.08 -16.91
CA LEU A 99 -27.01 -27.70 -15.83
C LEU A 99 -27.31 -28.93 -14.98
N LYS A 100 -28.12 -28.72 -13.95
CA LYS A 100 -28.66 -29.80 -13.15
C LYS A 100 -29.90 -29.29 -12.44
N VAL A 101 -30.81 -30.21 -12.10
CA VAL A 101 -32.10 -29.84 -11.54
C VAL A 101 -32.31 -30.64 -10.26
N ILE A 102 -32.27 -29.94 -9.13
CA ILE A 102 -32.49 -30.55 -7.83
C ILE A 102 -33.51 -29.71 -7.07
N GLU A 103 -33.79 -30.09 -5.83
CA GLU A 103 -34.59 -29.28 -4.93
C GLU A 103 -33.69 -28.37 -4.12
N PRO A 104 -34.22 -27.26 -3.61
CA PRO A 104 -33.37 -26.28 -2.92
C PRO A 104 -32.79 -26.83 -1.63
N VAL A 105 -31.68 -26.24 -1.20
CA VAL A 105 -31.00 -26.64 0.03
C VAL A 105 -30.38 -25.42 0.70
N GLY A 106 -30.63 -25.26 1.99
CA GLY A 106 -30.05 -24.16 2.75
C GLY A 106 -31.04 -23.03 2.96
N ASN A 107 -30.51 -21.93 3.50
CA ASN A 107 -31.28 -20.71 3.60
C ASN A 107 -31.37 -20.05 2.23
N ARG A 108 -32.49 -19.39 1.95
CA ARG A 108 -32.76 -18.97 0.58
C ARG A 108 -32.08 -17.64 0.26
N GLU A 109 -32.20 -16.65 1.15
CA GLU A 109 -31.59 -15.36 0.87
C GLU A 109 -30.11 -15.35 1.24
N GLU A 110 -29.72 -16.14 2.24
CA GLU A 110 -28.31 -16.25 2.60
C GLU A 110 -27.48 -16.72 1.41
N LYS A 111 -28.01 -17.66 0.63
CA LYS A 111 -27.35 -18.08 -0.59
C LYS A 111 -27.34 -16.99 -1.65
N ILE A 112 -28.23 -16.00 -1.55
CA ILE A 112 -28.23 -14.89 -2.49
C ILE A 112 -27.24 -13.83 -2.06
N LEU A 113 -27.16 -13.55 -0.76
CA LEU A 113 -26.21 -12.57 -0.26
C LEU A 113 -24.77 -13.05 -0.43
N ASN A 114 -24.53 -14.34 -0.22
CA ASN A 114 -23.18 -14.88 -0.35
C ASN A 114 -22.67 -14.88 -1.78
N ARG A 115 -23.56 -14.67 -2.75
CA ARG A 115 -23.16 -14.49 -4.14
C ARG A 115 -22.88 -13.03 -4.47
N GLU A 116 -23.56 -12.10 -3.79
CA GLU A 116 -23.24 -10.68 -3.94
C GLU A 116 -21.85 -10.39 -3.37
N ILE A 117 -21.63 -10.75 -2.11
CA ILE A 117 -20.37 -10.53 -1.40
C ILE A 117 -19.20 -11.14 -2.15
N GLY A 118 -19.45 -12.22 -2.87
CA GLY A 118 -18.38 -12.90 -3.58
C GLY A 118 -18.08 -12.26 -4.91
N PHE A 119 -19.02 -11.50 -5.46
CA PHE A 119 -18.74 -10.76 -6.68
C PHE A 119 -18.02 -9.46 -6.38
N ALA A 120 -18.33 -8.82 -5.26
CA ALA A 120 -17.65 -7.60 -4.85
C ALA A 120 -16.18 -7.85 -4.57
N ILE A 121 -15.89 -8.78 -3.64
CA ILE A 121 -14.53 -8.99 -3.18
C ILE A 121 -13.70 -9.84 -4.13
N GLY A 122 -14.28 -10.34 -5.21
CA GLY A 122 -13.51 -10.99 -6.24
C GLY A 122 -13.21 -12.45 -6.03
N MET A 123 -13.76 -13.08 -4.99
CA MET A 123 -13.48 -14.48 -4.72
C MET A 123 -14.62 -15.10 -3.92
N PRO A 124 -14.86 -16.40 -4.09
CA PRO A 124 -16.02 -17.03 -3.44
C PRO A 124 -15.92 -17.01 -1.92
N VAL A 125 -17.09 -16.87 -1.29
CA VAL A 125 -17.17 -16.98 0.16
C VAL A 125 -16.98 -18.41 0.63
N CYS A 126 -17.23 -19.40 -0.24
CA CYS A 126 -17.03 -20.79 0.15
C CYS A 126 -15.57 -21.13 0.32
N GLU A 127 -14.66 -20.34 -0.26
CA GLU A 127 -13.24 -20.59 -0.09
C GLU A 127 -12.83 -20.45 1.37
N PHE A 128 -13.46 -19.54 2.10
CA PHE A 128 -13.09 -19.30 3.49
C PHE A 128 -13.69 -20.31 4.45
N ASP A 129 -14.36 -21.35 3.94
CA ASP A 129 -14.82 -22.45 4.79
C ASP A 129 -13.95 -23.69 4.67
N MET A 130 -13.21 -23.83 3.59
CA MET A 130 -12.27 -24.92 3.40
C MET A 130 -10.91 -24.64 4.01
N VAL A 131 -10.83 -23.65 4.91
CA VAL A 131 -9.59 -23.33 5.60
C VAL A 131 -9.64 -23.91 7.00
N LYS A 132 -8.74 -24.85 7.29
CA LYS A 132 -8.79 -25.59 8.55
C LYS A 132 -8.12 -24.84 9.69
N ASP A 133 -7.25 -23.89 9.37
CA ASP A 133 -6.51 -23.05 10.30
C ASP A 133 -7.44 -22.47 11.36
N PRO A 134 -7.24 -22.78 12.65
CA PRO A 134 -8.14 -22.27 13.68
C PRO A 134 -7.99 -20.78 13.96
N GLU A 135 -6.99 -20.12 13.38
CA GLU A 135 -6.88 -18.67 13.51
C GLU A 135 -7.85 -17.97 12.57
N VAL A 136 -7.96 -18.46 11.34
CA VAL A 136 -8.89 -17.91 10.35
C VAL A 136 -10.34 -18.05 10.78
N GLN A 137 -10.65 -18.98 11.68
CA GLN A 137 -12.03 -19.32 11.96
C GLN A 137 -12.56 -18.71 13.26
N ASP A 138 -11.70 -18.19 14.14
CA ASP A 138 -12.15 -17.42 15.28
C ASP A 138 -12.20 -15.92 15.01
N PHE A 139 -11.50 -15.46 13.99
CA PHE A 139 -11.70 -14.09 13.52
C PHE A 139 -13.10 -13.92 12.96
N ARG A 140 -13.56 -14.89 12.18
CA ARG A 140 -14.81 -14.73 11.46
C ARG A 140 -16.02 -14.69 12.40
N ARG A 141 -15.95 -15.38 13.54
CA ARG A 141 -17.09 -15.42 14.44
C ARG A 141 -17.00 -14.40 15.57
N ASN A 142 -15.81 -13.86 15.85
CA ASN A 142 -15.67 -12.80 16.84
C ASN A 142 -15.61 -11.41 16.25
N ILE A 143 -15.23 -11.27 14.99
CA ILE A 143 -15.28 -9.96 14.35
C ILE A 143 -16.72 -9.50 14.18
N LEU A 144 -17.66 -10.43 14.18
CA LEU A 144 -19.06 -10.14 13.89
C LEU A 144 -19.78 -9.41 15.01
N ASN A 145 -19.08 -9.00 16.08
CA ASN A 145 -19.67 -8.04 17.00
C ASN A 145 -19.10 -6.64 16.82
N VAL A 146 -18.08 -6.48 15.98
CA VAL A 146 -17.71 -5.16 15.49
C VAL A 146 -18.60 -4.77 14.32
N CYS A 147 -19.05 -5.76 13.55
CA CYS A 147 -19.96 -5.54 12.44
C CYS A 147 -21.39 -5.38 12.94
N LYS A 148 -21.61 -5.60 14.24
CA LYS A 148 -22.93 -5.53 14.84
C LYS A 148 -23.09 -4.37 15.79
N GLU A 149 -22.03 -3.97 16.49
CA GLU A 149 -22.10 -2.76 17.29
C GLU A 149 -22.14 -1.51 16.44
N ALA A 150 -21.66 -1.58 15.20
CA ALA A 150 -21.83 -0.47 14.27
C ALA A 150 -23.26 -0.37 13.78
N VAL A 151 -23.83 -1.49 13.32
CA VAL A 151 -25.19 -1.49 12.80
C VAL A 151 -26.23 -1.14 13.86
N ASP A 152 -25.93 -1.39 15.14
CA ASP A 152 -26.76 -0.89 16.23
C ASP A 152 -26.45 0.56 16.58
N LEU A 153 -25.65 1.24 15.76
CA LEU A 153 -25.28 2.63 15.97
C LEU A 153 -25.65 3.51 14.79
N ARG A 154 -25.55 2.97 13.57
CA ARG A 154 -26.04 3.67 12.38
C ARG A 154 -27.54 3.66 12.30
N ASP A 155 -28.22 2.98 13.21
CA ASP A 155 -29.67 2.87 13.14
C ASP A 155 -30.30 3.03 14.52
N LEU A 156 -29.67 3.77 15.42
CA LEU A 156 -30.23 3.97 16.76
C LEU A 156 -31.47 4.87 16.69
N ASN A 157 -31.29 6.11 16.22
CA ASN A 157 -32.38 7.07 16.09
C ASN A 157 -32.63 7.33 14.62
N SER A 158 -33.55 6.59 14.03
CA SER A 158 -33.90 6.74 12.63
C SER A 158 -35.06 7.72 12.48
N PRO A 159 -35.26 8.28 11.27
CA PRO A 159 -34.39 8.05 10.11
C PRO A 159 -33.16 8.94 10.13
N HIS A 160 -33.06 9.77 11.17
CA HIS A 160 -32.01 10.78 11.21
C HIS A 160 -30.62 10.15 11.28
N SER A 161 -30.42 9.22 12.21
CA SER A 161 -29.15 8.50 12.32
C SER A 161 -28.79 7.76 11.05
N ARG A 162 -29.77 7.18 10.36
CA ARG A 162 -29.51 6.54 9.09
C ARG A 162 -29.13 7.55 8.01
N ALA A 163 -29.53 8.82 8.18
CA ALA A 163 -29.23 9.86 7.20
C ALA A 163 -27.76 10.24 7.24
N MET A 164 -27.23 10.49 8.44
CA MET A 164 -25.83 10.91 8.58
C MET A 164 -24.86 9.83 8.11
N TYR A 165 -25.28 8.56 8.19
CA TYR A 165 -24.40 7.49 7.72
C TYR A 165 -24.16 7.59 6.22
N VAL A 166 -25.20 7.82 5.43
CA VAL A 166 -25.06 7.73 3.98
C VAL A 166 -24.49 9.03 3.42
N TYR A 167 -24.92 10.18 3.96
CA TYR A 167 -24.40 11.48 3.55
C TYR A 167 -23.87 12.16 4.81
N PRO A 168 -22.60 11.92 5.14
CA PRO A 168 -22.05 12.46 6.39
C PRO A 168 -21.53 13.87 6.19
N PRO A 169 -21.52 14.69 7.24
CA PRO A 169 -21.02 16.07 7.11
C PRO A 169 -19.58 16.09 6.63
N ASN A 170 -19.32 16.91 5.61
CA ASN A 170 -17.98 17.11 5.09
C ASN A 170 -17.47 18.43 5.64
N VAL A 171 -16.96 18.38 6.86
CA VAL A 171 -16.53 19.58 7.58
C VAL A 171 -15.03 19.57 7.77
N GLU A 172 -14.50 20.63 8.34
CA GLU A 172 -13.08 20.74 8.66
C GLU A 172 -12.92 20.71 10.18
N SER A 173 -11.82 20.13 10.63
CA SER A 173 -11.59 19.93 12.06
C SER A 173 -11.51 21.24 12.83
N SER A 174 -11.02 22.30 12.22
CA SER A 174 -10.84 23.58 12.91
C SER A 174 -12.03 24.49 12.70
N PRO A 175 -12.74 24.87 13.77
CA PRO A 175 -13.87 25.80 13.60
C PRO A 175 -13.45 27.16 13.06
N GLU A 176 -12.47 27.79 13.70
CA GLU A 176 -12.06 29.15 13.34
C GLU A 176 -11.14 29.14 12.11
N LEU A 177 -11.23 30.21 11.36
CA LEU A 177 -10.75 30.69 10.08
C LEU A 177 -9.33 31.21 10.17
N PRO A 178 -8.53 31.02 9.12
CA PRO A 178 -7.27 31.76 9.01
C PRO A 178 -7.52 33.26 8.91
N LYS A 179 -6.47 34.08 8.91
CA LYS A 179 -6.69 35.52 8.87
C LYS A 179 -6.86 36.00 7.44
N HIS A 180 -6.28 35.30 6.46
CA HIS A 180 -6.45 35.66 5.06
C HIS A 180 -7.78 35.19 4.49
N ILE A 181 -8.66 34.64 5.33
CA ILE A 181 -10.01 34.28 4.93
C ILE A 181 -11.06 35.15 5.61
N TYR A 182 -10.83 35.49 6.88
CA TYR A 182 -11.73 36.41 7.58
C TYR A 182 -11.70 37.82 6.99
N ASN A 183 -10.65 38.16 6.24
CA ASN A 183 -10.59 39.48 5.62
C ASN A 183 -11.60 39.60 4.49
N LYS A 184 -11.80 38.53 3.73
CA LYS A 184 -12.73 38.54 2.60
C LYS A 184 -14.18 38.55 3.03
N LEU A 185 -14.47 38.58 4.32
CA LEU A 185 -15.84 38.64 4.84
C LEU A 185 -16.02 40.02 5.46
N ASP A 186 -16.81 40.85 4.78
CA ASP A 186 -17.04 42.22 5.25
C ASP A 186 -17.92 42.21 6.49
N LYS A 187 -17.30 42.36 7.67
CA LYS A 187 -17.96 42.35 8.97
C LYS A 187 -18.45 40.96 9.36
N GLY A 188 -17.90 39.91 8.76
CA GLY A 188 -18.39 38.57 9.00
C GLY A 188 -19.77 38.36 8.42
N GLN A 189 -19.89 38.57 7.11
CA GLN A 189 -21.16 38.40 6.41
C GLN A 189 -20.88 37.62 5.13
N ILE A 190 -21.73 36.65 4.83
CA ILE A 190 -21.59 35.84 3.62
C ILE A 190 -22.81 36.07 2.75
N ILE A 191 -22.61 35.99 1.44
CA ILE A 191 -23.69 36.09 0.47
C ILE A 191 -23.89 34.70 -0.13
N VAL A 192 -25.09 34.17 0.00
CA VAL A 192 -25.42 32.82 -0.45
C VAL A 192 -26.70 32.87 -1.25
N VAL A 193 -26.81 31.99 -2.25
CA VAL A 193 -27.98 31.91 -3.12
C VAL A 193 -28.76 30.65 -2.75
N ILE A 194 -29.93 30.83 -2.13
CA ILE A 194 -30.75 29.70 -1.73
C ILE A 194 -31.84 29.45 -2.76
N TRP A 195 -31.55 28.59 -3.73
CA TRP A 195 -32.55 28.22 -4.72
C TRP A 195 -33.70 27.48 -4.05
N VAL A 196 -34.92 27.71 -4.55
CA VAL A 196 -36.09 27.00 -4.08
C VAL A 196 -36.90 26.51 -5.27
N ILE A 197 -36.64 25.30 -5.73
CA ILE A 197 -37.42 24.70 -6.82
C ILE A 197 -38.58 23.95 -6.16
N VAL A 198 -39.64 24.70 -5.86
CA VAL A 198 -40.83 24.16 -5.22
C VAL A 198 -42.09 24.40 -6.02
N SER A 199 -41.97 25.02 -7.19
CA SER A 199 -43.11 25.15 -8.08
C SER A 199 -43.54 23.76 -8.54
N PRO A 200 -44.83 23.43 -8.45
CA PRO A 200 -45.27 22.10 -8.91
C PRO A 200 -44.94 21.83 -10.37
N ASN A 201 -44.91 22.85 -11.21
CA ASN A 201 -44.37 22.71 -12.56
C ASN A 201 -42.91 23.15 -12.60
N ASN A 202 -42.12 22.58 -11.69
CA ASN A 202 -40.65 22.69 -11.59
C ASN A 202 -40.10 24.06 -12.00
N ASP A 203 -40.57 25.09 -11.31
CA ASP A 203 -40.08 26.44 -11.49
C ASP A 203 -39.28 26.85 -10.25
N LYS A 204 -38.28 27.70 -10.47
CA LYS A 204 -37.24 27.97 -9.49
C LYS A 204 -37.32 29.41 -9.00
N GLN A 205 -37.35 29.58 -7.68
CA GLN A 205 -37.35 30.91 -7.06
C GLN A 205 -36.05 31.08 -6.29
N LYS A 206 -35.04 31.63 -6.96
CA LYS A 206 -33.76 31.87 -6.30
C LYS A 206 -33.87 33.05 -5.34
N TYR A 207 -33.18 32.96 -4.20
CA TYR A 207 -33.10 34.02 -3.23
C TYR A 207 -31.65 34.45 -3.04
N THR A 208 -31.47 35.41 -2.13
CA THR A 208 -30.13 35.90 -1.79
C THR A 208 -30.17 36.45 -0.38
N LEU A 209 -29.16 36.10 0.42
CA LEU A 209 -29.13 36.45 1.83
C LEU A 209 -27.76 37.02 2.18
N LYS A 210 -27.74 37.82 3.24
CA LYS A 210 -26.50 38.31 3.85
C LYS A 210 -26.52 37.88 5.31
N ILE A 211 -25.74 36.87 5.64
CA ILE A 211 -25.72 36.30 6.98
C ILE A 211 -24.26 36.05 7.36
N ASN A 212 -24.04 35.69 8.62
CA ASN A 212 -22.71 35.57 9.18
C ASN A 212 -21.97 34.36 8.61
N HIS A 213 -20.76 34.11 9.08
CA HIS A 213 -20.04 32.89 8.72
C HIS A 213 -20.10 31.84 9.81
N ASP A 214 -20.56 32.21 11.01
CA ASP A 214 -20.72 31.29 12.12
C ASP A 214 -22.16 30.88 12.33
N CYS A 215 -22.93 30.77 11.24
CA CYS A 215 -24.35 30.43 11.33
C CYS A 215 -24.54 28.94 11.07
N VAL A 216 -25.37 28.31 11.89
CA VAL A 216 -25.68 26.89 11.80
C VAL A 216 -26.67 26.67 10.66
N PRO A 217 -26.64 25.52 9.98
CA PRO A 217 -27.52 25.32 8.82
C PRO A 217 -29.00 25.32 9.15
N GLU A 218 -29.40 25.39 10.41
CA GLU A 218 -30.81 25.52 10.77
C GLU A 218 -31.20 26.96 11.03
N GLN A 219 -30.31 27.91 10.75
CA GLN A 219 -30.64 29.34 10.76
C GLN A 219 -30.53 29.97 9.38
N VAL A 220 -29.73 29.40 8.48
CA VAL A 220 -29.76 29.83 7.08
C VAL A 220 -31.15 29.56 6.49
N ILE A 221 -31.77 28.46 6.90
CA ILE A 221 -33.11 28.13 6.42
C ILE A 221 -34.20 28.78 7.26
N ALA A 222 -33.95 29.00 8.54
CA ALA A 222 -34.92 29.63 9.42
C ALA A 222 -35.23 31.07 9.05
N GLU A 223 -34.42 31.69 8.20
CA GLU A 223 -34.64 33.06 7.77
C GLU A 223 -34.91 33.19 6.28
N ALA A 224 -34.56 32.18 5.48
CA ALA A 224 -34.93 32.19 4.06
C ALA A 224 -36.40 31.85 3.84
N ILE A 225 -37.15 31.55 4.91
CA ILE A 225 -38.59 31.36 4.80
C ILE A 225 -39.36 32.61 5.20
N ARG A 226 -38.76 33.51 5.96
CA ARG A 226 -39.35 34.82 6.24
C ARG A 226 -39.09 35.81 5.12
N LYS A 227 -38.06 35.57 4.29
CA LYS A 227 -37.93 36.30 3.04
C LYS A 227 -39.09 35.99 2.11
N LYS A 228 -39.42 34.71 1.96
CA LYS A 228 -40.53 34.31 1.11
C LYS A 228 -41.87 34.68 1.73
N THR A 229 -42.08 34.35 3.00
CA THR A 229 -43.37 34.53 3.66
C THR A 229 -44.45 33.74 2.93
N GLY A 248 -40.48 25.47 7.50
CA GLY A 248 -39.65 24.63 8.36
C GLY A 248 -39.60 23.20 7.90
N LYS A 249 -38.78 22.39 8.58
CA LYS A 249 -38.57 20.98 8.25
C LYS A 249 -37.91 20.80 6.88
N TYR A 250 -36.77 21.45 6.65
CA TYR A 250 -36.09 21.39 5.37
C TYR A 250 -34.64 20.98 5.60
N ILE A 251 -33.93 20.76 4.49
CA ILE A 251 -32.51 20.45 4.50
C ILE A 251 -31.85 21.14 3.32
N LEU A 252 -30.64 21.66 3.55
CA LEU A 252 -29.89 22.30 2.48
C LEU A 252 -29.19 21.25 1.63
N LYS A 253 -28.62 21.69 0.51
CA LYS A 253 -27.89 20.77 -0.35
C LYS A 253 -27.05 21.56 -1.33
N VAL A 254 -25.85 21.06 -1.61
CA VAL A 254 -24.99 21.65 -2.63
C VAL A 254 -25.55 21.34 -4.01
N CYS A 255 -25.90 22.39 -4.75
CA CYS A 255 -26.44 22.20 -6.09
C CYS A 255 -25.39 21.59 -7.01
N GLY A 256 -25.77 20.50 -7.68
CA GLY A 256 -24.96 19.86 -8.70
C GLY A 256 -24.32 18.56 -8.27
N CYS A 257 -24.07 18.37 -6.96
CA CYS A 257 -23.40 17.15 -6.52
C CYS A 257 -23.96 16.58 -5.22
N ASP A 258 -25.24 16.84 -4.90
CA ASP A 258 -26.00 16.32 -3.76
C ASP A 258 -25.22 16.06 -2.48
N GLU A 259 -24.55 17.10 -1.97
CA GLU A 259 -24.02 17.08 -0.62
C GLU A 259 -24.99 17.78 0.32
N TYR A 260 -25.03 17.36 1.57
CA TYR A 260 -26.07 17.77 2.48
C TYR A 260 -25.47 18.38 3.74
N PHE A 261 -26.23 19.29 4.36
CA PHE A 261 -25.81 19.98 5.58
C PHE A 261 -26.76 19.52 6.68
N LEU A 262 -26.43 18.41 7.33
CA LEU A 262 -27.31 17.79 8.30
C LEU A 262 -26.89 18.00 9.75
N GLU A 263 -25.67 18.44 10.00
CA GLU A 263 -25.14 18.57 11.36
C GLU A 263 -25.08 20.05 11.74
N LYS A 264 -25.29 20.31 13.04
CA LYS A 264 -25.36 21.66 13.57
C LYS A 264 -23.94 22.21 13.81
N TYR A 265 -23.33 22.65 12.72
CA TYR A 265 -22.02 23.27 12.74
C TYR A 265 -22.09 24.71 12.23
N PRO A 266 -21.01 25.47 12.34
CA PRO A 266 -20.95 26.78 11.68
C PRO A 266 -20.80 26.62 10.18
N LEU A 267 -21.63 27.34 9.43
CA LEU A 267 -21.70 27.17 7.98
C LEU A 267 -20.35 27.34 7.29
N SER A 268 -19.48 28.16 7.86
CA SER A 268 -18.16 28.39 7.27
C SER A 268 -17.20 27.23 7.49
N GLN A 269 -17.58 26.22 8.26
CA GLN A 269 -16.71 25.10 8.56
C GLN A 269 -16.82 23.98 7.55
N TYR A 270 -17.88 23.94 6.74
CA TYR A 270 -17.99 22.96 5.67
C TYR A 270 -16.96 23.25 4.59
N LYS A 271 -16.47 22.20 3.94
CA LYS A 271 -15.44 22.36 2.92
C LYS A 271 -15.98 22.94 1.61
N TYR A 272 -17.28 23.24 1.53
CA TYR A 272 -17.82 23.94 0.38
C TYR A 272 -17.95 25.44 0.64
N ILE A 273 -18.56 25.80 1.77
CA ILE A 273 -18.62 27.20 2.19
C ILE A 273 -17.21 27.72 2.42
N ARG A 274 -16.39 26.94 3.13
CA ARG A 274 -15.05 27.38 3.48
C ARG A 274 -14.15 27.56 2.26
N SER A 275 -14.48 26.93 1.14
CA SER A 275 -13.65 27.00 -0.05
C SER A 275 -14.21 27.95 -1.11
N CYS A 276 -15.39 28.52 -0.87
CA CYS A 276 -15.89 29.60 -1.71
C CYS A 276 -15.39 30.95 -1.23
N ILE A 277 -15.28 31.13 0.10
CA ILE A 277 -14.77 32.38 0.64
C ILE A 277 -13.33 32.60 0.22
N MET A 278 -12.60 31.51 -0.05
CA MET A 278 -11.23 31.62 -0.56
C MET A 278 -11.23 32.12 -2.00
N LEU A 279 -11.90 31.40 -2.90
CA LEU A 279 -11.87 31.76 -4.31
C LEU A 279 -12.81 32.91 -4.66
N GLY A 280 -13.54 33.45 -3.67
CA GLY A 280 -14.43 34.56 -3.94
C GLY A 280 -15.56 34.25 -4.89
N ARG A 281 -16.09 33.03 -4.83
CA ARG A 281 -17.19 32.61 -5.69
C ARG A 281 -18.48 32.61 -4.89
N MET A 282 -19.57 32.23 -5.54
CA MET A 282 -20.85 32.31 -4.88
C MET A 282 -21.36 30.92 -4.50
N PRO A 283 -21.69 30.69 -3.24
CA PRO A 283 -22.21 29.38 -2.81
C PRO A 283 -23.68 29.22 -3.19
N ASN A 284 -23.95 28.26 -4.07
CA ASN A 284 -25.30 27.98 -4.55
C ASN A 284 -25.86 26.79 -3.77
N LEU A 285 -26.82 27.06 -2.91
CA LEU A 285 -27.53 26.03 -2.15
C LEU A 285 -28.90 25.78 -2.80
N MET A 286 -29.63 24.82 -2.26
CA MET A 286 -31.00 24.58 -2.73
C MET A 286 -31.80 23.95 -1.60
N LEU A 287 -32.80 24.67 -1.11
CA LEU A 287 -33.62 24.20 -0.01
C LEU A 287 -34.45 23.00 -0.45
N MET A 288 -34.53 21.98 0.40
CA MET A 288 -35.27 20.75 0.11
C MET A 288 -36.01 20.30 1.36
N ALA A 289 -36.94 19.37 1.15
CA ALA A 289 -37.74 18.82 2.23
C ALA A 289 -37.13 17.51 2.71
N LYS A 290 -37.30 17.25 4.02
CA LYS A 290 -36.74 16.04 4.61
C LYS A 290 -37.27 14.78 3.97
N GLU A 291 -38.59 14.65 3.85
CA GLU A 291 -39.21 13.42 3.37
C GLU A 291 -38.83 13.10 1.93
N SER A 292 -38.37 14.09 1.16
CA SER A 292 -37.82 13.78 -0.16
C SER A 292 -36.45 13.13 -0.05
N LEU A 293 -35.83 13.15 1.13
CA LEU A 293 -34.55 12.51 1.37
C LEU A 293 -34.72 11.16 2.05
N TYR A 294 -35.60 11.09 3.06
CA TYR A 294 -35.79 9.87 3.81
C TYR A 294 -36.39 8.76 2.95
N SER A 295 -37.05 9.12 1.85
CA SER A 295 -37.67 8.13 0.98
C SER A 295 -36.70 7.57 -0.05
N GLN A 296 -35.42 7.89 0.02
CA GLN A 296 -34.38 7.21 -0.75
C GLN A 296 -33.43 6.45 0.17
N LEU A 297 -33.84 6.25 1.42
CA LEU A 297 -33.04 5.50 2.38
C LEU A 297 -33.72 4.16 2.64
N PRO A 298 -33.52 3.17 1.78
CA PRO A 298 -34.19 1.88 1.96
C PRO A 298 -33.72 1.19 3.23
N MET A 299 -34.68 0.74 4.03
CA MET A 299 -34.37 0.08 5.29
C MET A 299 -33.69 -1.25 5.03
N ASP A 300 -32.43 -1.36 5.43
CA ASP A 300 -31.64 -2.57 5.30
C ASP A 300 -31.38 -3.19 6.68
N CYS A 301 -31.12 -4.49 6.69
CA CYS A 301 -30.95 -5.24 7.93
C CYS A 301 -29.68 -6.07 7.87
N PHE A 302 -29.23 -6.49 9.05
CA PHE A 302 -28.04 -7.32 9.20
C PHE A 302 -28.41 -8.62 9.89
N THR A 303 -28.07 -9.74 9.25
CA THR A 303 -28.35 -11.06 9.79
C THR A 303 -27.05 -11.83 9.98
N MET A 304 -26.91 -12.44 11.15
CA MET A 304 -25.71 -13.20 11.47
C MET A 304 -25.54 -14.35 10.48
N PRO A 305 -24.33 -14.59 9.98
CA PRO A 305 -24.16 -15.61 8.93
C PRO A 305 -24.29 -17.04 9.46
N SER A 306 -24.04 -18.01 8.58
CA SER A 306 -24.14 -19.41 8.95
C SER A 306 -23.18 -19.78 10.09
N TYR A 307 -21.92 -19.36 9.97
CA TYR A 307 -20.90 -19.70 10.96
C TYR A 307 -21.03 -18.94 12.27
N SER A 308 -22.08 -18.12 12.44
CA SER A 308 -22.30 -17.44 13.70
C SER A 308 -22.43 -18.39 14.88
N ARG A 309 -23.01 -19.57 14.66
CA ARG A 309 -23.38 -20.48 15.75
C ARG A 309 -22.50 -21.72 15.84
N ARG A 310 -21.61 -21.94 14.86
CA ARG A 310 -20.71 -23.09 14.90
C ARG A 310 -19.60 -22.82 15.93
N ILE A 311 -19.95 -23.08 17.19
CA ILE A 311 -19.03 -22.89 18.30
C ILE A 311 -18.68 -21.41 18.46
N THR A 322 -5.40 -26.37 30.64
CA THR A 322 -5.13 -27.32 31.70
C THR A 322 -3.86 -26.96 32.46
N SER A 323 -2.95 -27.92 32.55
CA SER A 323 -1.69 -27.70 33.25
C SER A 323 -0.73 -26.91 32.35
N THR A 324 -0.58 -25.63 32.64
CA THR A 324 0.21 -24.73 31.82
C THR A 324 1.41 -24.20 32.61
N LYS A 325 2.55 -24.10 31.94
CA LYS A 325 3.76 -23.51 32.51
C LYS A 325 3.95 -22.13 31.89
N SER A 326 4.14 -21.13 32.74
CA SER A 326 4.51 -19.82 32.23
C SER A 326 5.88 -19.89 31.57
N LEU A 327 6.18 -18.89 30.75
CA LEU A 327 7.46 -18.86 30.07
C LEU A 327 8.60 -18.52 31.02
N TRP A 328 8.30 -17.96 32.19
CA TRP A 328 9.31 -17.52 33.15
C TRP A 328 9.73 -18.61 34.11
N VAL A 329 9.58 -19.88 33.73
CA VAL A 329 9.97 -20.98 34.61
C VAL A 329 10.89 -21.93 33.85
N ILE A 330 10.87 -21.84 32.52
CA ILE A 330 11.79 -22.64 31.73
C ILE A 330 13.22 -22.15 31.95
N ASN A 331 14.17 -23.07 31.87
CA ASN A 331 15.59 -22.73 32.02
C ASN A 331 16.35 -23.50 30.93
N SER A 332 16.65 -22.80 29.84
CA SER A 332 17.37 -23.41 28.73
C SER A 332 17.70 -22.32 27.73
N ALA A 333 18.57 -22.65 26.79
CA ALA A 333 18.84 -21.78 25.65
C ALA A 333 17.71 -21.97 24.64
N LEU A 334 17.89 -21.44 23.43
CA LEU A 334 16.92 -21.61 22.36
C LEU A 334 17.59 -22.41 21.26
N ARG A 335 17.08 -23.61 21.02
CA ARG A 335 17.65 -24.52 20.03
C ARG A 335 16.57 -24.90 19.03
N ILE A 336 16.94 -24.91 17.76
CA ILE A 336 16.02 -25.17 16.66
C ILE A 336 16.69 -26.10 15.68
N LYS A 337 15.97 -27.13 15.26
CA LYS A 337 16.51 -28.16 14.39
C LYS A 337 16.15 -27.88 12.93
N ILE A 338 17.00 -28.32 12.02
CA ILE A 338 16.82 -28.12 10.60
C ILE A 338 16.98 -29.47 9.93
N LEU A 339 15.86 -30.06 9.49
CA LEU A 339 15.90 -31.41 8.94
C LEU A 339 16.38 -31.42 7.49
N CYS A 340 15.63 -30.79 6.60
CA CYS A 340 15.96 -30.89 5.18
C CYS A 340 15.10 -29.93 4.38
N ALA A 341 15.61 -29.57 3.21
CA ALA A 341 14.88 -28.79 2.22
C ALA A 341 14.32 -29.75 1.18
N THR A 342 13.00 -29.71 0.97
CA THR A 342 12.35 -30.68 0.10
C THR A 342 12.92 -30.65 -1.31
N TYR A 343 13.05 -29.46 -1.89
CA TYR A 343 13.80 -29.33 -3.12
C TYR A 343 14.04 -27.85 -3.40
N VAL A 344 15.20 -27.55 -3.97
CA VAL A 344 15.55 -26.18 -4.33
C VAL A 344 16.00 -26.18 -5.79
N ASN A 345 15.98 -25.01 -6.42
CA ASN A 345 16.23 -24.87 -7.86
C ASN A 345 17.51 -24.06 -8.05
N VAL A 346 18.65 -24.76 -8.07
CA VAL A 346 19.94 -24.15 -8.35
C VAL A 346 20.69 -25.05 -9.32
N ASN A 347 21.47 -24.42 -10.20
CA ASN A 347 22.23 -25.18 -11.18
C ASN A 347 23.28 -26.03 -10.48
N ILE A 348 23.67 -27.12 -11.16
CA ILE A 348 24.62 -28.06 -10.56
C ILE A 348 26.05 -27.56 -10.73
N ARG A 349 26.42 -27.17 -11.95
CA ARG A 349 27.79 -26.83 -12.28
C ARG A 349 28.15 -25.38 -11.97
N ASP A 350 27.26 -24.65 -11.28
CA ASP A 350 27.54 -23.28 -10.90
C ASP A 350 27.65 -23.10 -9.39
N ILE A 351 26.62 -23.50 -8.64
CA ILE A 351 26.62 -23.37 -7.19
C ILE A 351 27.30 -24.59 -6.60
N ASP A 352 28.07 -24.37 -5.54
CA ASP A 352 28.80 -25.44 -4.87
C ASP A 352 28.11 -25.95 -3.62
N LYS A 353 27.84 -25.09 -2.65
CA LYS A 353 27.21 -25.49 -1.40
C LYS A 353 25.98 -24.64 -1.16
N ILE A 354 25.19 -25.05 -0.16
CA ILE A 354 24.03 -24.29 0.29
C ILE A 354 23.90 -24.49 1.80
N TYR A 355 23.28 -23.52 2.46
CA TYR A 355 23.07 -23.58 3.89
C TYR A 355 21.85 -22.74 4.23
N VAL A 356 21.40 -22.85 5.48
CA VAL A 356 20.21 -22.17 5.96
C VAL A 356 20.63 -21.20 7.05
N ARG A 357 20.54 -19.91 6.75
CA ARG A 357 20.92 -18.87 7.70
C ARG A 357 19.69 -18.45 8.49
N THR A 358 19.84 -18.31 9.80
CA THR A 358 18.71 -18.05 10.67
C THR A 358 19.02 -16.87 11.60
N GLY A 359 17.98 -16.39 12.28
CA GLY A 359 18.12 -15.29 13.21
C GLY A 359 16.86 -15.07 14.02
N ILE A 360 17.00 -14.45 15.19
CA ILE A 360 15.89 -14.20 16.10
C ILE A 360 15.74 -12.70 16.24
N TYR A 361 14.66 -12.15 15.70
CA TYR A 361 14.48 -10.71 15.61
C TYR A 361 13.32 -10.24 16.46
N HIS A 362 13.35 -8.95 16.79
CA HIS A 362 12.22 -8.24 17.42
C HIS A 362 12.03 -6.94 16.65
N GLY A 363 11.26 -7.02 15.57
CA GLY A 363 10.96 -5.84 14.78
C GLY A 363 12.16 -5.20 14.12
N GLY A 364 12.82 -5.93 13.22
CA GLY A 364 13.91 -5.39 12.44
C GLY A 364 15.27 -5.48 13.08
N GLU A 365 15.33 -5.65 14.40
CA GLU A 365 16.63 -5.70 15.06
C GLU A 365 16.90 -7.10 15.58
N PRO A 366 18.11 -7.64 15.41
CA PRO A 366 18.42 -8.96 15.95
C PRO A 366 18.46 -8.95 17.46
N LEU A 367 17.89 -9.98 18.06
CA LEU A 367 18.01 -10.18 19.51
C LEU A 367 19.27 -10.95 19.89
N CYS A 368 20.02 -11.43 18.91
CA CYS A 368 21.23 -12.20 19.17
C CYS A 368 21.97 -12.38 17.85
N ASP A 369 23.07 -13.13 17.89
CA ASP A 369 23.84 -13.37 16.69
C ASP A 369 23.07 -14.25 15.71
N ASN A 370 23.48 -14.19 14.45
CA ASN A 370 22.93 -15.05 13.41
C ASN A 370 23.73 -16.34 13.32
N VAL A 371 23.01 -17.45 13.15
CA VAL A 371 23.59 -18.78 13.12
C VAL A 371 23.46 -19.33 11.71
N ASN A 372 24.43 -20.13 11.30
CA ASN A 372 24.40 -20.83 10.02
C ASN A 372 24.33 -22.33 10.27
N THR A 373 24.29 -23.09 9.18
CA THR A 373 24.42 -24.53 9.21
C THR A 373 25.62 -24.90 8.33
N GLN A 374 25.94 -26.20 8.31
CA GLN A 374 27.06 -26.65 7.50
C GLN A 374 26.72 -26.51 6.02
N ARG A 375 27.74 -26.59 5.18
CA ARG A 375 27.58 -26.43 3.73
C ARG A 375 27.46 -27.83 3.13
N VAL A 376 26.23 -28.32 3.02
CA VAL A 376 25.97 -29.60 2.36
C VAL A 376 26.08 -29.38 0.85
N PRO A 377 26.16 -30.44 0.06
CA PRO A 377 26.25 -30.28 -1.39
C PRO A 377 24.87 -29.94 -1.97
N CYS A 378 24.88 -29.56 -3.25
CA CYS A 378 23.65 -29.18 -3.94
C CYS A 378 22.66 -30.33 -3.98
N SER A 379 23.13 -31.52 -4.38
CA SER A 379 22.25 -32.64 -4.67
C SER A 379 21.49 -33.15 -3.45
N ASN A 380 22.11 -33.15 -2.27
CA ASN A 380 21.54 -33.78 -1.08
C ASN A 380 21.37 -32.73 0.01
N PRO A 381 20.39 -31.84 -0.13
CA PRO A 381 20.16 -30.80 0.90
C PRO A 381 19.45 -31.33 2.14
N ARG A 382 20.24 -31.94 3.04
CA ARG A 382 19.75 -32.41 4.32
C ARG A 382 20.76 -32.09 5.39
N TRP A 383 20.32 -31.51 6.50
CA TRP A 383 21.23 -31.07 7.55
C TRP A 383 21.04 -31.84 8.85
N ASN A 384 19.81 -31.90 9.37
CA ASN A 384 19.54 -32.66 10.60
C ASN A 384 20.34 -32.11 11.77
N GLU A 385 20.63 -30.81 11.74
CA GLU A 385 21.54 -30.17 12.68
C GLU A 385 20.78 -29.28 13.64
N TRP A 386 20.88 -29.60 14.93
CA TRP A 386 20.40 -28.68 15.94
C TRP A 386 21.25 -27.41 15.95
N LEU A 387 20.58 -26.26 15.92
CA LEU A 387 21.24 -24.97 16.04
C LEU A 387 20.88 -24.40 17.41
N ASN A 388 21.85 -23.72 18.02
CA ASN A 388 21.67 -23.22 19.37
C ASN A 388 21.88 -21.71 19.37
N TYR A 389 21.08 -21.02 20.17
CA TYR A 389 21.07 -19.57 20.23
C TYR A 389 21.45 -19.13 21.65
N ASP A 390 22.06 -17.95 21.73
CA ASP A 390 22.53 -17.42 23.01
C ASP A 390 21.48 -16.53 23.66
N ILE A 391 20.21 -16.84 23.42
CA ILE A 391 19.09 -16.20 24.09
C ILE A 391 18.53 -17.19 25.10
N TYR A 392 18.05 -16.64 26.22
CA TYR A 392 17.55 -17.42 27.34
C TYR A 392 16.03 -17.38 27.27
N ILE A 393 15.37 -18.50 27.55
CA ILE A 393 13.97 -18.69 27.22
C ILE A 393 13.07 -17.66 27.89
N PRO A 394 13.18 -17.42 29.20
CA PRO A 394 12.37 -16.35 29.81
C PRO A 394 12.72 -14.96 29.33
N ASP A 395 13.79 -14.79 28.56
CA ASP A 395 14.16 -13.51 27.95
C ASP A 395 13.74 -13.43 26.49
N LEU A 396 12.62 -14.06 26.13
CA LEU A 396 12.07 -13.86 24.80
C LEU A 396 10.94 -12.85 24.87
N PRO A 397 10.90 -11.88 23.96
CA PRO A 397 9.82 -10.90 23.96
C PRO A 397 8.59 -11.41 23.22
N ARG A 398 7.42 -10.92 23.68
CA ARG A 398 6.13 -11.37 23.18
C ARG A 398 5.97 -11.28 21.67
N ALA A 399 6.76 -10.44 21.01
CA ALA A 399 6.66 -10.20 19.58
C ALA A 399 7.90 -10.67 18.84
N ALA A 400 8.57 -11.68 19.37
CA ALA A 400 9.76 -12.21 18.74
C ALA A 400 9.40 -13.07 17.53
N ARG A 401 10.34 -13.20 16.60
CA ARG A 401 10.12 -13.98 15.40
C ARG A 401 11.35 -14.83 15.12
N LEU A 402 11.29 -15.57 14.02
CA LEU A 402 12.42 -16.34 13.50
C LEU A 402 12.53 -16.08 12.02
N CYS A 403 13.62 -15.45 11.59
CA CYS A 403 13.84 -15.12 10.19
C CYS A 403 14.93 -16.02 9.65
N LEU A 404 14.59 -16.87 8.69
CA LEU A 404 15.53 -17.82 8.14
C LEU A 404 15.53 -17.69 6.62
N SER A 405 16.36 -18.50 5.97
CA SER A 405 16.57 -18.36 4.53
C SER A 405 17.44 -19.52 4.07
N ILE A 406 17.71 -19.56 2.77
CA ILE A 406 18.55 -20.57 2.15
C ILE A 406 19.44 -19.85 1.15
N CYS A 407 20.73 -19.80 1.42
CA CYS A 407 21.68 -19.07 0.59
C CYS A 407 22.56 -20.04 -0.19
N SER A 408 23.36 -19.48 -1.10
CA SER A 408 24.24 -20.27 -1.95
C SER A 408 25.63 -19.64 -1.95
N VAL A 409 26.65 -20.47 -1.90
CA VAL A 409 28.04 -20.03 -1.79
C VAL A 409 28.74 -20.34 -3.10
N LYS A 410 28.85 -19.34 -3.97
CA LYS A 410 29.59 -19.52 -5.22
C LYS A 410 31.09 -19.65 -4.94
N GLY A 411 31.67 -18.60 -4.35
CA GLY A 411 33.08 -18.66 -3.96
C GLY A 411 34.00 -18.86 -5.13
N ARG A 412 35.13 -19.53 -4.86
CA ARG A 412 36.13 -19.88 -5.87
C ARG A 412 36.85 -18.62 -6.36
N LYS A 413 36.76 -17.54 -5.58
CA LYS A 413 37.41 -16.29 -5.94
C LYS A 413 38.08 -15.74 -4.68
N GLY A 414 39.31 -16.17 -4.44
CA GLY A 414 40.05 -15.82 -3.24
C GLY A 414 39.25 -16.10 -1.98
N ALA A 415 39.29 -15.16 -1.06
CA ALA A 415 38.44 -15.18 0.13
C ALA A 415 37.09 -14.52 -0.10
N LYS A 416 36.74 -14.26 -1.36
CA LYS A 416 35.48 -13.59 -1.68
C LYS A 416 34.35 -14.59 -1.84
N GLU A 417 33.87 -15.15 -0.73
CA GLU A 417 32.73 -16.06 -0.79
C GLU A 417 31.45 -15.25 -0.92
N GLU A 418 30.94 -15.12 -2.15
CA GLU A 418 29.81 -14.23 -2.43
C GLU A 418 28.52 -15.00 -2.17
N HIS A 419 27.82 -14.61 -1.11
CA HIS A 419 26.60 -15.29 -0.69
C HIS A 419 25.39 -14.65 -1.36
N CYS A 420 24.40 -15.49 -1.68
CA CYS A 420 23.22 -15.05 -2.40
C CYS A 420 22.00 -15.88 -1.99
N PRO A 421 20.96 -15.24 -1.44
CA PRO A 421 19.81 -16.02 -0.96
C PRO A 421 19.02 -16.64 -2.10
N LEU A 422 18.36 -17.74 -1.79
CA LEU A 422 17.49 -18.45 -2.72
C LEU A 422 16.02 -18.38 -2.37
N ALA A 423 15.69 -18.17 -1.10
CA ALA A 423 14.31 -18.08 -0.65
C ALA A 423 14.33 -17.53 0.77
N TRP A 424 13.16 -17.33 1.35
CA TRP A 424 13.07 -16.78 2.70
C TRP A 424 11.71 -17.11 3.28
N GLY A 425 11.58 -16.90 4.56
CA GLY A 425 10.31 -17.09 5.24
C GLY A 425 10.47 -16.84 6.71
N ASN A 426 9.44 -16.22 7.28
CA ASN A 426 9.42 -15.86 8.69
C ASN A 426 8.33 -16.64 9.38
N ILE A 427 8.46 -16.82 10.69
CA ILE A 427 7.44 -17.44 11.51
C ILE A 427 7.49 -16.83 12.91
N ASN A 428 6.32 -16.60 13.48
CA ASN A 428 6.26 -16.19 14.87
C ASN A 428 6.83 -17.30 15.75
N LEU A 429 7.29 -16.91 16.94
CA LEU A 429 7.66 -17.88 17.96
C LEU A 429 6.55 -18.15 18.95
N PHE A 430 5.64 -17.19 19.13
CA PHE A 430 4.48 -17.41 19.99
C PHE A 430 3.24 -17.54 19.10
N ASP A 431 2.08 -17.64 19.73
CA ASP A 431 0.85 -17.95 19.05
C ASP A 431 -0.21 -16.93 19.45
N TYR A 432 -1.28 -16.83 18.65
CA TYR A 432 -2.29 -15.81 18.92
C TYR A 432 -3.02 -16.03 20.25
N THR A 433 -2.84 -17.19 20.88
CA THR A 433 -3.38 -17.49 22.19
C THR A 433 -2.30 -17.47 23.27
N ASP A 434 -1.15 -16.84 23.01
CA ASP A 434 -0.04 -16.76 23.96
C ASP A 434 0.53 -18.13 24.27
N THR A 435 1.06 -18.82 23.27
CA THR A 435 1.54 -20.19 23.45
C THR A 435 2.74 -20.44 22.55
N LEU A 436 3.88 -20.74 23.15
CA LEU A 436 5.11 -20.95 22.39
C LEU A 436 4.99 -22.19 21.52
N VAL A 437 5.41 -22.07 20.27
CA VAL A 437 5.32 -23.19 19.33
C VAL A 437 6.29 -24.27 19.77
N SER A 438 5.76 -25.48 20.01
CA SER A 438 6.55 -26.61 20.50
C SER A 438 6.11 -27.87 19.76
N GLY A 439 6.78 -28.18 18.66
CA GLY A 439 6.47 -29.38 17.91
C GLY A 439 7.28 -29.42 16.63
N LYS A 440 6.72 -30.10 15.63
CA LYS A 440 7.31 -30.09 14.31
C LYS A 440 6.53 -29.10 13.44
N MET A 441 7.08 -28.79 12.26
CA MET A 441 6.48 -27.76 11.44
C MET A 441 7.12 -27.77 10.07
N ALA A 442 6.30 -27.54 9.05
CA ALA A 442 6.77 -27.34 7.69
C ALA A 442 6.59 -25.87 7.33
N LEU A 443 7.26 -25.45 6.26
CA LEU A 443 7.22 -24.05 5.87
C LEU A 443 7.66 -23.94 4.42
N ASN A 444 6.76 -23.53 3.55
CA ASN A 444 7.10 -23.21 2.16
C ASN A 444 7.73 -21.81 2.15
N LEU A 445 8.64 -21.60 1.21
CA LEU A 445 9.47 -20.41 1.22
C LEU A 445 9.12 -19.51 0.05
N TRP A 446 9.04 -18.21 0.33
CA TRP A 446 8.69 -17.21 -0.67
C TRP A 446 9.88 -17.00 -1.60
N PRO A 447 9.68 -16.28 -2.70
CA PRO A 447 10.82 -15.81 -3.50
C PRO A 447 11.44 -14.58 -2.86
N VAL A 448 12.71 -14.38 -3.18
CA VAL A 448 13.42 -13.21 -2.66
C VAL A 448 12.89 -11.97 -3.37
N PRO A 449 12.54 -10.89 -2.64
CA PRO A 449 12.05 -9.69 -3.31
C PRO A 449 13.13 -9.12 -4.21
N HIS A 450 12.91 -9.21 -5.51
CA HIS A 450 13.98 -8.95 -6.47
C HIS A 450 14.30 -7.47 -6.49
N GLY A 451 15.58 -7.16 -6.27
CA GLY A 451 16.04 -5.83 -5.90
C GLY A 451 16.65 -5.78 -4.52
N LEU A 452 16.43 -6.81 -3.71
CA LEU A 452 16.95 -6.89 -2.35
C LEU A 452 18.17 -7.81 -2.34
N GLU A 453 19.26 -7.35 -1.71
CA GLU A 453 20.51 -8.09 -1.68
C GLU A 453 20.80 -8.70 -0.31
N ASP A 454 20.11 -8.26 0.74
CA ASP A 454 20.29 -8.81 2.06
C ASP A 454 19.95 -10.29 2.08
N LEU A 455 20.65 -11.03 2.94
CA LEU A 455 20.50 -12.49 3.01
C LEU A 455 19.29 -12.92 3.83
N LEU A 456 18.71 -12.02 4.62
CA LEU A 456 17.45 -12.27 5.32
C LEU A 456 16.48 -11.13 5.02
N ASN A 457 15.19 -11.43 5.12
CA ASN A 457 14.14 -10.45 4.87
C ASN A 457 13.30 -10.28 6.13
N PRO A 458 13.84 -9.55 7.12
CA PRO A 458 13.12 -9.39 8.39
C PRO A 458 11.80 -8.66 8.26
N ILE A 459 11.58 -7.93 7.17
CA ILE A 459 10.39 -7.08 7.05
C ILE A 459 9.22 -7.81 6.41
N GLY A 460 9.44 -8.99 5.81
CA GLY A 460 8.39 -9.71 5.13
C GLY A 460 7.27 -10.17 6.02
N VAL A 461 6.42 -11.05 5.51
CA VAL A 461 5.23 -11.49 6.24
C VAL A 461 5.46 -12.88 6.80
N THR A 462 4.92 -13.11 8.00
CA THR A 462 5.11 -14.37 8.72
C THR A 462 3.99 -15.32 8.31
N GLY A 463 4.34 -16.33 7.53
CA GLY A 463 3.37 -17.31 7.09
C GLY A 463 3.98 -18.20 6.03
N SER A 464 3.19 -19.19 5.62
CA SER A 464 3.63 -20.12 4.59
C SER A 464 3.12 -19.70 3.23
N ASN A 465 3.96 -19.84 2.22
CA ASN A 465 3.55 -19.59 0.85
C ASN A 465 2.46 -20.58 0.47
N PRO A 466 1.21 -20.12 0.26
CA PRO A 466 0.13 -21.08 -0.02
C PRO A 466 0.30 -21.85 -1.31
N ASN A 467 1.14 -21.38 -2.23
CA ASN A 467 1.53 -22.22 -3.35
C ASN A 467 2.24 -23.46 -2.84
N LYS A 468 2.13 -24.55 -3.59
CA LYS A 468 2.67 -25.84 -3.16
C LYS A 468 3.85 -26.32 -3.99
N GLU A 469 4.10 -25.72 -5.15
CA GLU A 469 5.29 -26.05 -5.93
C GLU A 469 6.45 -25.12 -5.57
N THR A 470 6.73 -25.03 -4.28
CA THR A 470 7.73 -24.14 -3.72
C THR A 470 8.70 -24.93 -2.86
N PRO A 471 9.94 -24.45 -2.72
CA PRO A 471 10.90 -25.14 -1.86
C PRO A 471 10.43 -25.15 -0.41
N CYS A 472 10.17 -26.35 0.10
CA CYS A 472 9.72 -26.55 1.46
C CYS A 472 10.92 -26.73 2.38
N LEU A 473 10.66 -26.68 3.68
CA LEU A 473 11.72 -26.76 4.67
C LEU A 473 11.13 -27.22 5.99
N GLU A 474 11.48 -28.42 6.43
CA GLU A 474 10.96 -28.94 7.69
C GLU A 474 11.81 -28.46 8.85
N LEU A 475 11.16 -28.11 9.94
CA LEU A 475 11.80 -27.67 11.16
C LEU A 475 11.37 -28.59 12.30
N GLU A 476 11.81 -28.27 13.51
CA GLU A 476 11.36 -29.00 14.67
C GLU A 476 11.72 -28.23 15.92
N PHE A 477 10.75 -27.98 16.78
CA PHE A 477 10.98 -27.18 17.97
C PHE A 477 10.97 -28.11 19.18
N ASP A 478 11.41 -27.60 20.31
CA ASP A 478 11.80 -28.44 21.44
C ASP A 478 10.65 -28.54 22.43
N TRP A 479 10.33 -29.77 22.82
CA TRP A 479 9.21 -30.07 23.69
C TRP A 479 9.62 -29.90 25.15
N PHE A 480 8.75 -29.27 25.94
CA PHE A 480 9.03 -28.93 27.33
C PHE A 480 8.06 -29.62 28.29
N SER A 481 7.45 -30.71 27.83
CA SER A 481 6.58 -31.61 28.59
C SER A 481 5.18 -31.06 28.82
N SER A 482 4.87 -29.86 28.34
CA SER A 482 3.53 -29.30 28.49
C SER A 482 3.43 -28.06 27.60
N VAL A 483 2.34 -27.32 27.74
CA VAL A 483 2.17 -26.07 27.01
C VAL A 483 2.84 -24.95 27.78
N VAL A 484 3.62 -24.13 27.08
CA VAL A 484 4.31 -23.00 27.67
C VAL A 484 3.65 -21.72 27.17
N LYS A 485 3.06 -20.97 28.10
CA LYS A 485 2.28 -19.79 27.79
C LYS A 485 3.18 -18.55 27.84
N PHE A 486 2.59 -17.36 27.80
CA PHE A 486 3.23 -16.12 28.14
C PHE A 486 2.57 -15.56 29.39
N PRO A 487 3.32 -14.93 30.29
CA PRO A 487 2.73 -14.45 31.54
C PRO A 487 1.65 -13.41 31.28
N ASP A 488 0.66 -13.40 32.18
CA ASP A 488 -0.37 -12.38 32.07
C ASP A 488 0.13 -11.07 32.66
N MET A 489 -0.63 -10.01 32.44
CA MET A 489 -0.20 -8.66 32.83
C MET A 489 -0.38 -8.41 34.33
N SER A 490 -0.70 -9.43 35.12
CA SER A 490 -0.70 -9.28 36.57
C SER A 490 0.48 -9.98 37.22
N VAL A 491 1.12 -10.91 36.52
CA VAL A 491 2.38 -11.49 36.96
C VAL A 491 3.56 -10.83 36.26
N ILE A 492 3.33 -9.70 35.58
CA ILE A 492 4.40 -8.92 34.99
C ILE A 492 4.56 -7.57 35.66
N GLU A 493 3.52 -7.02 36.27
CA GLU A 493 3.62 -5.79 37.04
C GLU A 493 3.95 -6.07 38.51
N GLU A 494 4.39 -7.29 38.81
CA GLU A 494 5.03 -7.61 40.08
C GLU A 494 6.51 -7.92 39.93
N HIS A 495 6.90 -8.49 38.79
CA HIS A 495 8.32 -8.64 38.49
C HIS A 495 9.02 -7.29 38.35
N ALA A 496 8.27 -6.23 38.02
CA ALA A 496 8.82 -4.89 37.93
C ALA A 496 8.63 -4.09 39.21
N ASN A 497 7.54 -4.30 39.94
CA ASN A 497 7.35 -3.69 41.26
C ASN A 497 8.22 -4.34 42.33
N TRP A 498 9.03 -5.32 41.95
CA TRP A 498 9.97 -6.04 42.79
C TRP A 498 11.42 -5.72 42.47
N SER A 499 11.74 -5.50 41.19
CA SER A 499 13.10 -5.18 40.78
C SER A 499 13.39 -3.69 40.81
N VAL A 500 12.66 -2.92 41.60
CA VAL A 500 12.91 -1.50 41.75
C VAL A 500 13.89 -1.27 42.89
N LEU A 523 13.63 14.82 43.31
CA LEU A 523 15.03 15.05 42.92
C LEU A 523 15.11 15.50 41.46
N ARG A 524 15.15 16.81 41.27
CA ARG A 524 15.30 17.38 39.94
C ARG A 524 16.78 17.33 39.53
N GLU A 525 17.12 17.98 38.43
CA GLU A 525 18.48 18.00 37.93
C GLU A 525 18.73 19.33 37.24
N ASN A 526 19.82 19.38 36.48
CA ASN A 526 20.19 20.57 35.71
C ASN A 526 20.24 20.33 34.22
N ASP A 527 20.37 19.09 33.77
CA ASP A 527 20.35 18.74 32.35
C ASP A 527 18.96 18.31 31.88
N LYS A 528 17.96 19.17 32.09
CA LYS A 528 16.68 18.96 31.44
C LYS A 528 16.68 19.48 30.01
N GLU A 529 17.76 20.17 29.62
CA GLU A 529 17.84 20.72 28.27
C GLU A 529 18.21 19.66 27.25
N GLN A 530 18.86 18.58 27.69
CA GLN A 530 19.24 17.55 26.73
C GLN A 530 18.10 16.58 26.46
N LEU A 531 17.19 16.42 27.43
CA LEU A 531 15.95 15.72 27.14
C LEU A 531 15.15 16.42 26.07
N LYS A 532 14.86 17.71 26.24
CA LYS A 532 14.18 18.52 25.25
C LYS A 532 14.90 18.55 23.91
N ALA A 533 16.24 18.58 23.94
CA ALA A 533 17.01 18.62 22.71
C ALA A 533 16.92 17.32 21.93
N ILE A 534 16.54 16.22 22.56
CA ILE A 534 16.41 14.94 21.87
C ILE A 534 14.96 14.64 21.54
N SER A 535 14.03 15.02 22.42
CA SER A 535 12.62 14.76 22.17
C SER A 535 12.12 15.48 20.92
N THR A 536 12.76 16.57 20.54
CA THR A 536 12.38 17.36 19.38
C THR A 536 13.27 17.04 18.18
N ARG A 537 13.69 15.79 18.03
CA ARG A 537 14.59 15.41 16.96
C ARG A 537 13.86 14.59 15.90
N ASP A 538 14.53 14.42 14.78
CA ASP A 538 14.06 13.67 13.62
C ASP A 538 13.97 12.18 13.96
N PRO A 539 12.92 11.48 13.53
CA PRO A 539 12.88 10.02 13.72
C PRO A 539 13.93 9.26 12.91
N LEU A 540 14.57 9.93 11.95
CA LEU A 540 15.64 9.32 11.18
C LEU A 540 17.02 9.81 11.60
N SER A 541 17.11 10.51 12.73
CA SER A 541 18.36 11.09 13.18
C SER A 541 19.18 10.08 13.96
N GLU A 542 20.45 10.43 14.18
CA GLU A 542 21.37 9.55 14.89
C GLU A 542 20.88 9.29 16.32
N ILE A 543 21.40 8.24 16.91
CA ILE A 543 21.22 7.98 18.34
C ILE A 543 22.45 7.21 18.83
N THR A 544 23.09 7.72 19.87
CA THR A 544 24.36 7.18 20.33
C THR A 544 24.15 6.30 21.56
N GLU A 545 25.16 5.48 21.85
CA GLU A 545 25.10 4.60 23.00
C GLU A 545 25.05 5.39 24.31
N GLN A 546 25.67 6.57 24.34
CA GLN A 546 25.64 7.38 25.55
C GLN A 546 24.24 7.95 25.81
N GLU A 547 23.46 8.17 24.74
CA GLU A 547 22.15 8.77 24.92
C GLU A 547 21.11 7.73 25.33
N LYS A 548 21.21 6.51 24.79
CA LYS A 548 20.28 5.45 25.16
C LYS A 548 20.34 5.14 26.64
N ASP A 549 21.52 5.22 27.25
CA ASP A 549 21.61 4.99 28.69
C ASP A 549 21.24 6.25 29.47
N PHE A 550 21.38 7.42 28.86
CA PHE A 550 20.90 8.64 29.48
C PHE A 550 19.37 8.66 29.56
N LEU A 551 18.70 8.26 28.48
CA LEU A 551 17.25 8.24 28.46
C LEU A 551 16.71 7.22 29.46
N TRP A 552 17.15 5.96 29.36
CA TRP A 552 16.59 4.91 30.19
C TRP A 552 16.83 5.16 31.67
N SER A 553 17.93 5.83 32.02
CA SER A 553 18.18 6.15 33.41
C SER A 553 17.23 7.22 33.92
N HIS A 554 16.84 8.16 33.07
CA HIS A 554 15.92 9.23 33.41
C HIS A 554 14.50 8.91 32.94
N ARG A 555 14.13 7.63 32.95
CA ARG A 555 12.86 7.21 32.40
C ARG A 555 11.68 7.66 33.26
N HIS A 556 11.90 7.87 34.56
CA HIS A 556 10.82 8.29 35.44
C HIS A 556 10.58 9.78 35.42
N TYR A 557 11.20 10.51 34.49
CA TYR A 557 10.91 11.91 34.31
C TYR A 557 10.47 12.25 32.89
N CYS A 558 10.60 11.33 31.95
CA CYS A 558 10.04 11.44 30.61
C CYS A 558 8.51 11.48 30.59
N VAL A 559 7.82 11.31 31.73
CA VAL A 559 6.36 11.43 31.77
C VAL A 559 5.92 12.87 31.90
N THR A 560 6.83 13.83 31.79
CA THR A 560 6.50 15.25 31.69
C THR A 560 6.75 15.78 30.28
N ILE A 561 7.44 15.02 29.44
CA ILE A 561 7.71 15.39 28.06
C ILE A 561 7.17 14.26 27.19
N PRO A 562 5.85 14.11 27.09
CA PRO A 562 5.28 12.88 26.50
C PRO A 562 5.63 12.64 25.04
N GLU A 563 6.15 13.62 24.31
CA GLU A 563 6.51 13.39 22.92
C GLU A 563 7.87 12.74 22.76
N ILE A 564 8.42 12.16 23.83
CA ILE A 564 9.71 11.49 23.82
C ILE A 564 9.57 9.98 23.78
N LEU A 565 8.36 9.45 23.94
CA LEU A 565 8.17 8.02 24.03
C LEU A 565 8.69 7.23 22.83
N PRO A 566 8.64 7.72 21.58
CA PRO A 566 9.30 7.00 20.49
C PRO A 566 10.81 6.94 20.61
N LYS A 567 11.43 7.77 21.45
CA LYS A 567 12.87 7.72 21.70
C LYS A 567 13.22 6.83 22.88
N LEU A 568 12.42 6.90 23.95
CA LEU A 568 12.60 6.03 25.11
C LEU A 568 12.39 4.56 24.80
N LEU A 569 11.85 4.20 23.63
CA LEU A 569 11.63 2.81 23.27
C LEU A 569 12.73 2.23 22.40
N LEU A 570 13.48 3.06 21.67
CA LEU A 570 14.64 2.54 20.97
C LEU A 570 15.86 2.41 21.88
N SER A 571 15.74 2.80 23.14
CA SER A 571 16.82 2.70 24.10
C SER A 571 16.70 1.44 24.95
N VAL A 572 15.47 1.05 25.30
CA VAL A 572 15.25 -0.21 26.00
C VAL A 572 15.77 -1.36 25.14
N LYS A 573 16.24 -2.39 25.81
CA LYS A 573 16.73 -3.59 25.16
C LYS A 573 15.73 -4.72 25.37
N TRP A 574 15.26 -5.30 24.27
CA TRP A 574 14.12 -6.20 24.31
C TRP A 574 14.49 -7.64 24.58
N ASN A 575 15.79 -7.97 24.60
CA ASN A 575 16.25 -9.30 24.92
C ASN A 575 16.61 -9.46 26.39
N SER A 576 15.94 -8.73 27.28
CA SER A 576 16.13 -8.87 28.72
C SER A 576 14.84 -8.49 29.40
N ARG A 577 14.29 -9.40 30.19
CA ARG A 577 12.93 -9.31 30.68
C ARG A 577 12.80 -8.50 31.96
N ASP A 578 13.83 -7.74 32.34
CA ASP A 578 13.71 -6.72 33.37
C ASP A 578 13.59 -5.32 32.80
N GLU A 579 14.22 -5.08 31.65
CA GLU A 579 13.94 -3.88 30.86
C GLU A 579 12.46 -3.83 30.49
N VAL A 580 11.98 -4.90 29.84
CA VAL A 580 10.64 -4.90 29.28
C VAL A 580 9.58 -4.91 30.38
N ALA A 581 9.81 -5.62 31.47
CA ALA A 581 8.83 -5.68 32.54
C ALA A 581 8.64 -4.34 33.24
N GLN A 582 9.60 -3.44 33.14
CA GLN A 582 9.49 -2.11 33.74
C GLN A 582 8.88 -1.10 32.79
N MET A 583 8.98 -1.34 31.49
CA MET A 583 8.37 -0.45 30.52
C MET A 583 6.85 -0.60 30.51
N TYR A 584 6.35 -1.83 30.66
CA TYR A 584 4.90 -2.05 30.64
C TYR A 584 4.20 -1.31 31.76
N CYS A 585 4.83 -1.20 32.93
CA CYS A 585 4.25 -0.40 34.00
C CYS A 585 4.42 1.09 33.77
N LEU A 586 5.08 1.47 32.68
CA LEU A 586 5.37 2.86 32.36
C LEU A 586 4.47 3.35 31.22
N VAL A 587 4.20 2.48 30.25
CA VAL A 587 3.23 2.78 29.20
C VAL A 587 1.80 2.72 29.73
N LYS A 588 1.59 2.10 30.89
CA LYS A 588 0.23 1.93 31.40
C LYS A 588 -0.31 3.22 31.99
N ASP A 589 0.56 4.20 32.24
CA ASP A 589 0.15 5.49 32.80
C ASP A 589 0.64 6.67 31.97
N TRP A 590 1.11 6.43 30.75
CA TRP A 590 1.68 7.48 29.94
C TRP A 590 0.58 8.45 29.51
N PRO A 591 0.84 9.76 29.56
CA PRO A 591 -0.16 10.73 29.08
C PRO A 591 -0.33 10.64 27.58
N PRO A 592 -1.52 10.92 27.07
CA PRO A 592 -1.78 10.70 25.64
C PRO A 592 -1.03 11.68 24.76
N ILE A 593 -0.71 11.24 23.55
CA ILE A 593 0.03 12.02 22.59
C ILE A 593 -0.95 12.53 21.54
N LYS A 594 -0.53 13.54 20.79
CA LYS A 594 -1.29 13.97 19.64
C LYS A 594 -1.31 12.85 18.60
N PRO A 595 -2.44 12.60 17.94
CA PRO A 595 -2.48 11.52 16.94
C PRO A 595 -1.58 11.76 15.74
N GLU A 596 -1.02 12.96 15.58
CA GLU A 596 0.00 13.18 14.56
C GLU A 596 1.33 12.53 14.94
N GLN A 597 1.50 12.20 16.23
CA GLN A 597 2.72 11.61 16.76
C GLN A 597 2.55 10.15 17.15
N ALA A 598 1.36 9.76 17.57
CA ALA A 598 1.03 8.37 17.89
C ALA A 598 0.84 7.51 16.64
N MET A 599 1.16 8.01 15.46
CA MET A 599 1.17 7.23 14.24
C MET A 599 2.56 6.76 13.86
N GLU A 600 3.58 7.19 14.59
CA GLU A 600 4.91 6.63 14.43
C GLU A 600 5.03 5.27 15.12
N LEU A 601 4.19 5.02 16.11
CA LEU A 601 4.22 3.80 16.91
C LEU A 601 3.51 2.64 16.21
N LEU A 602 3.28 2.74 14.92
CA LEU A 602 2.60 1.70 14.16
C LEU A 602 3.41 1.22 12.95
N ASP A 603 4.59 1.76 12.72
CA ASP A 603 5.42 1.32 11.61
C ASP A 603 6.14 0.04 12.01
N CYS A 604 7.15 -0.37 11.23
CA CYS A 604 7.81 -1.66 11.37
C CYS A 604 8.93 -1.64 12.40
N ASN A 605 8.91 -0.73 13.37
CA ASN A 605 9.94 -0.66 14.39
C ASN A 605 9.41 -0.80 15.80
N TYR A 606 8.09 -0.85 15.99
CA TYR A 606 7.49 -0.91 17.32
C TYR A 606 6.51 -2.08 17.38
N PRO A 607 7.00 -3.32 17.30
CA PRO A 607 6.12 -4.47 17.11
C PRO A 607 5.48 -5.00 18.37
N ASP A 608 5.75 -4.45 19.54
CA ASP A 608 5.17 -4.98 20.75
C ASP A 608 3.66 -4.72 20.76
N PRO A 609 2.87 -5.60 21.40
CA PRO A 609 1.41 -5.41 21.44
C PRO A 609 0.90 -4.48 22.54
N MET A 610 1.73 -4.04 23.47
CA MET A 610 1.31 -3.00 24.41
C MET A 610 1.66 -1.61 23.96
N VAL A 611 2.71 -1.47 23.14
CA VAL A 611 2.94 -0.20 22.44
C VAL A 611 1.81 0.09 21.48
N ARG A 612 1.56 -0.84 20.56
CA ARG A 612 0.57 -0.65 19.50
C ARG A 612 -0.86 -0.58 20.02
N GLY A 613 -1.09 -0.86 21.30
CA GLY A 613 -2.41 -0.72 21.87
C GLY A 613 -2.52 0.56 22.65
N PHE A 614 -1.39 1.25 22.78
CA PHE A 614 -1.37 2.64 23.22
C PHE A 614 -1.51 3.60 22.06
N ALA A 615 -0.89 3.29 20.93
CA ALA A 615 -1.00 4.12 19.72
C ALA A 615 -2.33 3.96 19.01
N VAL A 616 -3.31 3.30 19.63
CA VAL A 616 -4.65 3.19 19.08
C VAL A 616 -5.73 3.73 20.01
N ARG A 617 -5.51 3.79 21.32
CA ARG A 617 -6.41 4.56 22.17
C ARG A 617 -6.20 6.05 22.04
N CYS A 618 -5.18 6.49 21.31
CA CYS A 618 -4.94 7.90 21.05
C CYS A 618 -5.59 8.34 19.74
N LEU A 619 -5.62 7.44 18.76
CA LEU A 619 -6.40 7.72 17.55
C LEU A 619 -7.89 7.79 17.86
N GLU A 620 -8.36 6.94 18.76
CA GLU A 620 -9.80 6.80 18.96
C GLU A 620 -10.40 7.89 19.83
N LYS A 621 -9.61 8.86 20.29
CA LYS A 621 -10.19 10.01 20.94
C LYS A 621 -9.51 11.33 20.58
N TYR A 622 -8.61 11.35 19.61
CA TYR A 622 -7.99 12.60 19.20
C TYR A 622 -7.87 12.72 17.68
N LEU A 623 -8.31 11.72 16.93
CA LEU A 623 -8.31 11.76 15.48
C LEU A 623 -9.73 12.02 15.00
N THR A 624 -9.88 12.96 14.07
CA THR A 624 -11.17 13.32 13.52
C THR A 624 -11.36 12.71 12.13
N ASP A 625 -12.62 12.63 11.71
CA ASP A 625 -12.94 12.01 10.44
C ASP A 625 -12.39 12.78 9.26
N ASP A 626 -12.09 14.07 9.44
CA ASP A 626 -11.38 14.83 8.41
C ASP A 626 -9.99 14.29 8.19
N LYS A 627 -9.24 14.11 9.28
CA LYS A 627 -7.85 13.67 9.19
C LYS A 627 -7.74 12.20 8.83
N LEU A 628 -8.61 11.37 9.43
CA LEU A 628 -8.66 9.95 9.10
C LEU A 628 -8.85 9.75 7.60
N SER A 629 -9.67 10.58 6.97
CA SER A 629 -9.86 10.50 5.53
C SER A 629 -8.60 10.87 4.78
N GLN A 630 -7.76 11.74 5.36
CA GLN A 630 -6.51 12.12 4.73
C GLN A 630 -5.41 11.12 5.01
N TYR A 631 -5.46 10.44 6.16
CA TYR A 631 -4.42 9.54 6.63
C TYR A 631 -4.87 8.08 6.57
N LEU A 632 -5.59 7.73 5.50
CA LEU A 632 -6.14 6.39 5.35
C LEU A 632 -5.35 5.52 4.39
N ILE A 633 -4.55 6.10 3.50
CA ILE A 633 -3.67 5.31 2.65
C ILE A 633 -2.53 4.69 3.43
N GLN A 634 -2.18 5.25 4.59
CA GLN A 634 -1.16 4.69 5.46
C GLN A 634 -1.72 3.85 6.61
N LEU A 635 -2.95 4.07 7.02
CA LEU A 635 -3.56 3.21 8.03
C LEU A 635 -4.00 1.87 7.48
N VAL A 636 -3.84 1.63 6.18
CA VAL A 636 -4.21 0.38 5.54
C VAL A 636 -2.92 -0.35 5.17
N GLN A 637 -1.80 0.36 5.24
CA GLN A 637 -0.50 -0.27 5.04
C GLN A 637 0.08 -0.81 6.32
N VAL A 638 -0.39 -0.34 7.49
CA VAL A 638 0.16 -0.80 8.76
C VAL A 638 -0.72 -1.94 9.28
N LEU A 639 -1.56 -2.48 8.41
CA LEU A 639 -2.20 -3.77 8.69
C LEU A 639 -1.36 -4.93 8.18
N LYS A 640 -0.50 -4.67 7.19
CA LYS A 640 0.49 -5.65 6.76
C LYS A 640 1.62 -5.82 7.76
N TYR A 641 1.82 -4.84 8.64
CA TYR A 641 2.84 -4.90 9.68
C TYR A 641 2.37 -5.63 10.92
N GLU A 642 1.11 -6.04 10.96
CA GLU A 642 0.57 -6.76 12.08
C GLU A 642 0.92 -8.23 11.98
N GLN A 643 0.91 -8.92 13.12
CA GLN A 643 1.29 -10.32 13.18
C GLN A 643 0.10 -11.26 13.31
N TYR A 644 -0.92 -10.88 14.06
CA TYR A 644 -2.10 -11.71 14.23
C TYR A 644 -3.18 -11.22 13.27
N LEU A 645 -4.42 -11.71 13.41
CA LEU A 645 -5.53 -11.24 12.60
C LEU A 645 -6.55 -10.44 13.39
N ASP A 646 -6.87 -10.84 14.61
CA ASP A 646 -7.86 -10.15 15.44
C ASP A 646 -7.13 -9.20 16.39
N ASN A 647 -6.66 -8.08 15.85
CA ASN A 647 -5.91 -7.09 16.61
C ASN A 647 -6.79 -5.88 16.85
N LEU A 648 -6.22 -4.84 17.46
CA LEU A 648 -7.00 -3.66 17.82
C LEU A 648 -7.01 -2.59 16.75
N LEU A 649 -6.06 -2.63 15.80
CA LEU A 649 -6.10 -1.67 14.70
C LEU A 649 -7.22 -1.99 13.72
N VAL A 650 -7.63 -3.25 13.60
CA VAL A 650 -8.69 -3.63 12.68
C VAL A 650 -10.07 -3.43 13.28
N ARG A 651 -10.20 -3.47 14.60
CA ARG A 651 -11.46 -3.13 15.24
C ARG A 651 -11.76 -1.64 15.21
N PHE A 652 -10.75 -0.82 14.96
CA PHE A 652 -10.89 0.63 14.84
C PHE A 652 -11.21 1.06 13.42
N LEU A 653 -10.46 0.56 12.44
CA LEU A 653 -10.71 0.91 11.05
C LEU A 653 -11.94 0.25 10.47
N LEU A 654 -12.59 -0.65 11.21
CA LEU A 654 -13.83 -1.28 10.79
C LEU A 654 -15.04 -0.65 11.45
N LYS A 655 -14.92 -0.27 12.72
CA LYS A 655 -15.95 0.53 13.37
C LYS A 655 -16.14 1.88 12.71
N LYS A 656 -15.17 2.34 11.92
CA LYS A 656 -15.27 3.62 11.22
C LYS A 656 -15.85 3.47 9.83
N ALA A 657 -15.47 2.42 9.10
CA ALA A 657 -16.05 2.20 7.78
C ALA A 657 -17.51 1.81 7.83
N LEU A 658 -18.02 1.43 9.01
CA LEU A 658 -19.41 1.06 9.16
C LEU A 658 -20.22 2.17 9.81
N THR A 659 -19.68 3.38 9.88
CA THR A 659 -20.45 4.54 10.34
C THR A 659 -20.26 5.75 9.45
N ASN A 660 -19.59 5.60 8.30
CA ASN A 660 -19.31 6.71 7.40
C ASN A 660 -19.06 6.14 6.02
N GLN A 661 -20.01 6.31 5.10
CA GLN A 661 -19.85 5.75 3.75
C GLN A 661 -18.78 6.45 2.94
N ARG A 662 -18.26 7.59 3.40
CA ARG A 662 -17.12 8.20 2.73
C ARG A 662 -15.84 7.46 3.05
N ILE A 663 -15.68 7.04 4.31
CA ILE A 663 -14.54 6.22 4.69
C ILE A 663 -14.68 4.84 4.09
N GLY A 664 -15.86 4.22 4.23
CA GLY A 664 -16.07 2.88 3.70
C GLY A 664 -15.88 2.76 2.21
N HIS A 665 -16.07 3.85 1.47
CA HIS A 665 -15.85 3.82 0.03
C HIS A 665 -14.38 3.62 -0.30
N PHE A 666 -13.49 4.32 0.40
CA PHE A 666 -12.07 4.20 0.14
C PHE A 666 -11.43 3.09 0.94
N PHE A 667 -12.03 2.73 2.08
CA PHE A 667 -11.66 1.51 2.76
C PHE A 667 -11.76 0.31 1.82
N PHE A 668 -12.91 0.17 1.15
CA PHE A 668 -13.13 -0.91 0.20
C PHE A 668 -12.10 -0.91 -0.92
N TRP A 669 -11.97 0.21 -1.62
CA TRP A 669 -11.16 0.23 -2.84
C TRP A 669 -9.67 0.16 -2.58
N HIS A 670 -9.22 0.49 -1.37
CA HIS A 670 -7.81 0.33 -1.05
C HIS A 670 -7.48 -1.13 -0.75
N LEU A 671 -8.34 -1.81 0.01
CA LEU A 671 -8.19 -3.24 0.20
C LEU A 671 -8.36 -3.99 -1.12
N LYS A 672 -9.49 -3.79 -1.79
CA LYS A 672 -9.78 -4.44 -3.06
C LYS A 672 -8.72 -4.21 -4.12
N SER A 673 -8.00 -3.09 -4.06
CA SER A 673 -7.01 -2.79 -5.08
C SER A 673 -5.80 -3.69 -5.01
N GLU A 674 -5.62 -4.42 -3.91
CA GLU A 674 -4.43 -5.24 -3.73
C GLU A 674 -4.81 -6.61 -3.16
N MET A 675 -5.85 -7.23 -3.74
CA MET A 675 -6.20 -8.62 -3.48
C MET A 675 -5.48 -9.58 -4.42
N HIS A 676 -4.77 -9.05 -5.40
CA HIS A 676 -4.01 -9.85 -6.35
C HIS A 676 -2.66 -10.28 -5.81
N ASN A 677 -2.25 -9.77 -4.66
CA ASN A 677 -0.95 -10.06 -4.08
C ASN A 677 -1.10 -11.19 -3.07
N LYS A 678 -0.35 -12.27 -3.27
CA LYS A 678 -0.63 -13.51 -2.55
C LYS A 678 -0.22 -13.44 -1.08
N THR A 679 0.65 -12.49 -0.73
CA THR A 679 1.09 -12.39 0.66
C THR A 679 0.01 -11.79 1.56
N VAL A 680 -0.81 -10.90 1.02
CA VAL A 680 -1.84 -10.21 1.80
C VAL A 680 -3.24 -10.64 1.41
N SER A 681 -3.38 -11.48 0.40
CA SER A 681 -4.66 -11.84 -0.20
C SER A 681 -5.52 -12.70 0.69
N GLN A 682 -5.21 -12.98 1.95
CA GLN A 682 -6.10 -13.81 2.75
C GLN A 682 -6.62 -13.07 3.98
N ARG A 683 -5.87 -12.08 4.47
CA ARG A 683 -6.35 -11.29 5.60
C ARG A 683 -7.14 -10.07 5.16
N PHE A 684 -6.90 -9.57 3.94
CA PHE A 684 -7.77 -8.57 3.35
C PHE A 684 -9.10 -9.19 2.93
N GLY A 685 -9.04 -10.34 2.25
CA GLY A 685 -10.26 -11.02 1.84
C GLY A 685 -11.15 -11.37 3.02
N LEU A 686 -10.55 -11.73 4.15
CA LEU A 686 -11.34 -11.94 5.35
C LEU A 686 -11.90 -10.64 5.89
N LEU A 687 -11.29 -9.52 5.54
CA LEU A 687 -11.71 -8.22 6.05
C LEU A 687 -12.71 -7.54 5.12
N LEU A 688 -12.55 -7.70 3.81
CA LEU A 688 -13.59 -7.31 2.87
C LEU A 688 -14.89 -8.00 3.19
N GLU A 689 -14.87 -9.34 3.26
CA GLU A 689 -16.04 -10.14 3.54
C GLU A 689 -16.79 -9.72 4.81
N SER A 690 -16.10 -9.13 5.78
CA SER A 690 -16.78 -8.65 6.98
C SER A 690 -17.35 -7.25 6.82
N TYR A 691 -16.80 -6.45 5.90
CA TYR A 691 -17.40 -5.17 5.56
C TYR A 691 -18.61 -5.34 4.67
N CYS A 692 -18.47 -6.10 3.58
CA CYS A 692 -19.53 -6.33 2.62
C CYS A 692 -20.76 -6.98 3.23
N ARG A 693 -20.64 -7.56 4.42
CA ARG A 693 -21.75 -8.22 5.09
C ARG A 693 -22.50 -7.33 6.06
N ALA A 694 -21.96 -6.16 6.40
CA ALA A 694 -22.64 -5.23 7.29
C ALA A 694 -22.70 -3.81 6.78
N CYS A 695 -22.17 -3.54 5.58
CA CYS A 695 -22.29 -2.20 4.99
C CYS A 695 -23.76 -1.82 4.82
N GLY A 696 -24.56 -2.75 4.31
CA GLY A 696 -25.97 -2.51 4.14
C GLY A 696 -26.36 -2.26 2.70
N MET A 697 -27.15 -1.22 2.47
CA MET A 697 -27.63 -0.90 1.12
C MET A 697 -26.50 -0.55 0.18
N TYR A 698 -25.33 -0.16 0.69
CA TYR A 698 -24.26 0.34 -0.16
C TYR A 698 -23.55 -0.77 -0.93
N LEU A 699 -23.83 -2.04 -0.62
CA LEU A 699 -23.21 -3.12 -1.38
C LEU A 699 -23.75 -3.18 -2.81
N LYS A 700 -24.98 -2.70 -3.01
CA LYS A 700 -25.56 -2.72 -4.35
C LYS A 700 -24.87 -1.73 -5.27
N HIS A 701 -24.41 -0.60 -4.72
CA HIS A 701 -23.72 0.39 -5.53
C HIS A 701 -22.30 -0.05 -5.83
N LEU A 702 -21.64 -0.73 -4.88
CA LEU A 702 -20.29 -1.21 -5.12
C LEU A 702 -20.26 -2.28 -6.20
N ASN A 703 -21.27 -3.15 -6.23
CA ASN A 703 -21.35 -4.16 -7.28
C ASN A 703 -21.49 -3.52 -8.65
N ARG A 704 -22.22 -2.42 -8.75
CA ARG A 704 -22.40 -1.78 -10.04
C ARG A 704 -21.15 -1.02 -10.45
N GLN A 705 -20.30 -0.64 -9.49
CA GLN A 705 -19.03 -0.01 -9.80
C GLN A 705 -18.01 -1.05 -10.23
N VAL A 706 -18.05 -2.24 -9.64
CA VAL A 706 -17.07 -3.28 -9.98
C VAL A 706 -17.33 -3.81 -11.38
N GLU A 707 -18.59 -3.98 -11.75
CA GLU A 707 -18.92 -4.47 -13.09
C GLU A 707 -18.53 -3.47 -14.16
N ALA A 708 -18.50 -2.18 -13.83
CA ALA A 708 -18.11 -1.17 -14.80
C ALA A 708 -16.62 -1.24 -15.10
N MET A 709 -15.79 -1.39 -14.07
CA MET A 709 -14.35 -1.50 -14.29
C MET A 709 -14.00 -2.81 -14.97
N GLU A 710 -14.76 -3.87 -14.68
CA GLU A 710 -14.53 -5.16 -15.33
C GLU A 710 -14.70 -5.04 -16.84
N LYS A 711 -15.73 -4.33 -17.29
CA LYS A 711 -15.91 -4.08 -18.71
C LYS A 711 -14.71 -3.33 -19.30
N LEU A 712 -14.24 -2.31 -18.59
CA LEU A 712 -13.16 -1.48 -19.09
C LEU A 712 -11.84 -2.24 -19.16
N ILE A 713 -11.58 -3.10 -18.18
CA ILE A 713 -10.35 -3.89 -18.20
C ILE A 713 -10.35 -4.84 -19.40
N ASN A 714 -11.50 -5.45 -19.68
CA ASN A 714 -11.59 -6.36 -20.81
C ASN A 714 -11.40 -5.63 -22.14
N LEU A 715 -12.12 -4.53 -22.34
CA LEU A 715 -12.06 -3.81 -23.62
C LEU A 715 -10.65 -3.33 -23.91
N THR A 716 -9.90 -2.97 -22.86
CA THR A 716 -8.54 -2.47 -23.05
C THR A 716 -7.57 -3.60 -23.35
N ASP A 717 -7.83 -4.80 -22.83
CA ASP A 717 -6.97 -5.94 -23.12
C ASP A 717 -6.96 -6.27 -24.61
N ILE A 718 -8.13 -6.22 -25.25
CA ILE A 718 -8.21 -6.48 -26.69
C ILE A 718 -7.36 -5.49 -27.46
N LEU A 719 -7.33 -4.23 -27.01
CA LEU A 719 -6.49 -3.23 -27.67
C LEU A 719 -5.02 -3.52 -27.45
N LYS A 720 -4.67 -4.01 -26.25
CA LYS A 720 -3.29 -4.30 -25.89
C LYS A 720 -2.76 -5.63 -26.44
N GLN A 721 -3.64 -6.54 -26.88
CA GLN A 721 -3.19 -7.83 -27.38
C GLN A 721 -3.54 -8.08 -28.84
N GLU A 722 -4.79 -7.86 -29.26
CA GLU A 722 -5.22 -8.25 -30.59
C GLU A 722 -5.15 -7.12 -31.62
N LYS A 723 -5.60 -5.92 -31.27
CA LYS A 723 -5.59 -4.79 -32.19
C LYS A 723 -4.35 -3.95 -31.98
N LYS A 724 -3.31 -4.57 -31.43
CA LYS A 724 -2.11 -3.86 -31.00
C LYS A 724 -1.09 -3.66 -32.12
N ASP A 725 -1.51 -3.83 -33.38
CA ASP A 725 -0.54 -3.74 -34.48
C ASP A 725 -1.01 -2.92 -35.68
N GLU A 726 -2.27 -2.51 -35.76
CA GLU A 726 -2.71 -1.61 -36.82
C GLU A 726 -2.91 -0.21 -36.24
N THR A 727 -3.20 0.74 -37.13
CA THR A 727 -3.21 2.14 -36.76
C THR A 727 -4.45 2.48 -35.93
N GLN A 728 -4.62 3.79 -35.68
CA GLN A 728 -5.67 4.25 -34.78
C GLN A 728 -7.01 4.38 -35.49
N LYS A 729 -7.00 4.33 -36.83
CA LYS A 729 -8.26 4.37 -37.57
C LYS A 729 -9.15 3.19 -37.21
N VAL A 730 -8.62 1.96 -37.36
CA VAL A 730 -9.37 0.76 -37.02
C VAL A 730 -9.70 0.66 -35.54
N GLN A 731 -8.87 1.23 -34.67
CA GLN A 731 -9.07 1.07 -33.24
C GLN A 731 -10.14 2.00 -32.69
N MET A 732 -10.25 3.21 -33.22
CA MET A 732 -11.30 4.12 -32.76
C MET A 732 -12.67 3.71 -33.30
N LYS A 733 -12.70 3.03 -34.45
CA LYS A 733 -13.97 2.54 -34.96
C LYS A 733 -14.37 1.25 -34.24
N PHE A 734 -13.39 0.41 -33.92
CA PHE A 734 -13.67 -0.77 -33.10
C PHE A 734 -14.15 -0.38 -31.71
N LEU A 735 -13.64 0.72 -31.17
CA LEU A 735 -14.08 1.17 -29.85
C LEU A 735 -15.53 1.63 -29.87
N VAL A 736 -15.90 2.49 -30.81
CA VAL A 736 -17.30 2.88 -30.95
C VAL A 736 -18.14 1.68 -31.36
N GLU A 737 -17.53 0.74 -32.09
CA GLU A 737 -18.23 -0.49 -32.45
C GLU A 737 -18.52 -1.33 -31.21
N GLN A 738 -17.55 -1.36 -30.27
CA GLN A 738 -17.73 -2.16 -29.06
C GLN A 738 -18.58 -1.44 -28.02
N MET A 739 -18.47 -0.11 -27.93
CA MET A 739 -19.22 0.63 -26.93
C MET A 739 -20.68 0.81 -27.28
N ARG A 740 -21.01 0.85 -28.58
CA ARG A 740 -22.40 1.03 -29.02
C ARG A 740 -23.27 -0.19 -28.73
N ARG A 741 -22.67 -1.32 -28.37
CA ARG A 741 -23.21 -2.63 -28.03
C ARG A 741 -24.12 -2.51 -26.81
N PRO A 742 -25.34 -3.04 -26.89
CA PRO A 742 -26.36 -2.77 -25.87
C PRO A 742 -26.11 -3.41 -24.51
N ASP A 743 -25.02 -4.15 -24.32
CA ASP A 743 -24.67 -4.66 -23.00
C ASP A 743 -23.55 -3.87 -22.36
N PHE A 744 -22.56 -3.44 -23.15
CA PHE A 744 -21.54 -2.54 -22.67
C PHE A 744 -22.15 -1.21 -22.24
N MET A 745 -23.27 -0.83 -22.88
CA MET A 745 -23.83 0.50 -22.67
C MET A 745 -24.69 0.57 -21.42
N ASP A 746 -25.09 -0.59 -20.87
CA ASP A 746 -25.97 -0.63 -19.73
C ASP A 746 -25.24 -0.73 -18.40
N ALA A 747 -23.98 -1.18 -18.41
CA ALA A 747 -23.17 -1.21 -17.20
C ALA A 747 -22.42 0.09 -16.99
N LEU A 748 -22.16 0.84 -18.05
CA LEU A 748 -21.35 2.06 -18.00
C LEU A 748 -22.20 3.31 -17.79
N GLN A 749 -23.35 3.19 -17.15
CA GLN A 749 -24.23 4.33 -16.97
C GLN A 749 -25.00 4.17 -15.67
N GLY A 750 -25.17 5.28 -14.95
CA GLY A 750 -26.04 5.28 -13.79
C GLY A 750 -25.41 4.80 -12.50
N PHE A 751 -24.11 5.04 -12.30
CA PHE A 751 -23.43 4.57 -11.11
C PHE A 751 -22.55 5.68 -10.56
N LEU A 752 -22.26 5.60 -9.26
CA LEU A 752 -21.49 6.61 -8.58
C LEU A 752 -20.03 6.59 -9.08
N SER A 753 -19.24 7.51 -8.57
CA SER A 753 -17.92 7.56 -9.15
C SER A 753 -16.88 6.98 -8.19
N PRO A 754 -15.94 6.17 -8.69
CA PRO A 754 -14.88 5.67 -7.82
C PRO A 754 -13.98 6.77 -7.28
N LEU A 755 -13.74 7.81 -8.07
CA LEU A 755 -12.90 8.91 -7.60
C LEU A 755 -13.60 9.75 -6.53
N ASN A 756 -14.92 9.84 -6.59
CA ASN A 756 -15.65 10.61 -5.59
C ASN A 756 -17.07 10.08 -5.47
N PRO A 757 -17.46 9.59 -4.29
CA PRO A 757 -18.80 8.99 -4.14
C PRO A 757 -19.93 10.01 -4.12
N ALA A 758 -19.61 11.31 -4.18
CA ALA A 758 -20.63 12.33 -4.18
C ALA A 758 -21.05 12.75 -5.59
N HIS A 759 -20.15 12.66 -6.56
CA HIS A 759 -20.55 12.82 -7.94
C HIS A 759 -21.12 11.50 -8.46
N GLN A 760 -22.12 11.58 -9.33
CA GLN A 760 -22.77 10.38 -9.84
C GLN A 760 -22.80 10.46 -11.36
N LEU A 761 -22.14 9.51 -12.00
CA LEU A 761 -22.05 9.49 -13.46
C LEU A 761 -23.42 9.27 -14.08
N GLY A 762 -23.51 9.48 -15.38
CA GLY A 762 -24.77 9.39 -16.10
C GLY A 762 -24.57 8.88 -17.50
N ASN A 763 -25.35 9.40 -18.44
CA ASN A 763 -25.35 8.88 -19.79
C ASN A 763 -24.04 9.17 -20.50
N LEU A 764 -23.42 8.14 -21.04
CA LEU A 764 -22.15 8.27 -21.73
C LEU A 764 -22.32 9.05 -23.03
N ARG A 765 -21.20 9.59 -23.53
CA ARG A 765 -21.18 10.38 -24.76
C ARG A 765 -20.21 9.74 -25.75
N LEU A 766 -20.75 9.03 -26.74
CA LEU A 766 -19.90 8.32 -27.69
C LEU A 766 -19.07 9.28 -28.54
N GLU A 767 -19.55 10.51 -28.72
CA GLU A 767 -18.78 11.49 -29.48
C GLU A 767 -17.64 12.06 -28.65
N GLU A 768 -17.76 11.99 -27.32
CA GLU A 768 -16.76 12.58 -26.43
C GLU A 768 -15.65 11.59 -26.11
N CYS A 769 -15.99 10.31 -26.06
CA CYS A 769 -15.02 9.27 -25.70
C CYS A 769 -14.10 8.97 -26.87
N ARG A 770 -12.81 8.87 -26.59
CA ARG A 770 -11.82 8.63 -27.64
C ARG A 770 -10.57 7.97 -27.05
N ILE A 771 -9.82 7.31 -27.93
CA ILE A 771 -8.53 6.74 -27.55
C ILE A 771 -7.45 7.79 -27.61
N MET A 772 -6.64 7.86 -26.56
CA MET A 772 -5.59 8.87 -26.44
C MET A 772 -4.30 8.33 -27.02
N SER A 773 -3.46 9.24 -27.51
CA SER A 773 -2.19 8.88 -28.13
C SER A 773 -1.01 8.96 -27.16
N SER A 774 -1.23 8.69 -25.89
CA SER A 774 -0.16 8.72 -24.89
C SER A 774 0.67 7.45 -24.97
N ALA A 775 1.53 7.23 -23.98
CA ALA A 775 2.44 6.10 -23.96
C ALA A 775 1.70 4.76 -24.08
N LYS A 776 0.85 4.46 -23.11
CA LYS A 776 0.09 3.22 -23.13
C LYS A 776 -1.19 3.32 -23.95
N ARG A 777 -1.50 4.50 -24.49
CA ARG A 777 -2.78 4.75 -25.16
C ARG A 777 -3.94 4.52 -24.19
N PRO A 778 -4.09 5.38 -23.17
CA PRO A 778 -5.24 5.26 -22.26
C PRO A 778 -6.53 5.67 -22.93
N LEU A 779 -7.61 5.75 -22.16
CA LEU A 779 -8.95 5.85 -22.70
C LEU A 779 -9.67 7.05 -22.08
N TRP A 780 -10.20 7.91 -22.94
CA TRP A 780 -10.95 9.09 -22.52
C TRP A 780 -12.42 8.71 -22.36
N LEU A 781 -13.06 9.21 -21.32
CA LEU A 781 -14.48 8.92 -21.10
C LEU A 781 -15.18 10.15 -20.54
N ASN A 782 -16.36 10.44 -21.08
CA ASN A 782 -17.14 11.61 -20.72
C ASN A 782 -18.55 11.16 -20.31
N TRP A 783 -18.96 11.50 -19.11
CA TRP A 783 -20.30 11.25 -18.62
C TRP A 783 -21.06 12.56 -18.52
N GLU A 784 -22.28 12.50 -17.98
CA GLU A 784 -23.15 13.65 -17.90
C GLU A 784 -23.80 13.69 -16.52
N ASN A 785 -23.86 14.88 -15.94
CA ASN A 785 -24.38 15.01 -14.58
C ASN A 785 -25.90 14.87 -14.60
N PRO A 786 -26.46 13.82 -14.00
CA PRO A 786 -27.91 13.63 -14.06
C PRO A 786 -28.68 14.44 -13.03
N ASP A 787 -28.04 15.45 -12.43
CA ASP A 787 -28.73 16.25 -11.45
C ASP A 787 -29.50 17.38 -12.14
N ILE A 788 -30.51 17.90 -11.43
CA ILE A 788 -31.42 18.88 -12.01
C ILE A 788 -30.89 20.31 -11.92
N MET A 789 -29.75 20.52 -11.30
CA MET A 789 -29.10 21.83 -11.29
C MET A 789 -27.62 21.69 -11.58
N SER A 790 -27.29 20.86 -12.56
CA SER A 790 -25.91 20.55 -12.93
C SER A 790 -25.24 21.68 -13.66
N GLU A 791 -25.93 22.75 -14.03
CA GLU A 791 -25.27 23.85 -14.73
C GLU A 791 -24.54 24.77 -13.77
N LEU A 792 -25.08 24.95 -12.56
CA LEU A 792 -24.44 25.82 -11.58
C LEU A 792 -23.05 25.30 -11.21
N LEU A 793 -22.99 24.07 -10.73
CA LEU A 793 -21.74 23.35 -10.62
C LEU A 793 -21.39 22.82 -12.02
N PHE A 794 -20.31 22.06 -12.14
CA PHE A 794 -19.95 21.62 -13.49
C PHE A 794 -20.99 20.66 -14.04
N GLN A 795 -20.94 20.44 -15.35
CA GLN A 795 -21.97 19.69 -16.04
C GLN A 795 -21.43 18.51 -16.85
N ASN A 796 -20.15 18.16 -16.70
CA ASN A 796 -19.60 16.95 -17.27
C ASN A 796 -18.58 16.36 -16.30
N ASN A 797 -18.57 15.03 -16.22
CA ASN A 797 -17.52 14.28 -15.54
C ASN A 797 -16.65 13.65 -16.62
N GLU A 798 -15.37 13.98 -16.62
CA GLU A 798 -14.41 13.36 -17.52
C GLU A 798 -13.35 12.65 -16.70
N ILE A 799 -12.90 11.51 -17.21
CA ILE A 799 -11.99 10.63 -16.48
C ILE A 799 -11.10 9.91 -17.49
N ILE A 800 -9.87 9.65 -17.10
CA ILE A 800 -8.96 8.81 -17.88
C ILE A 800 -8.99 7.41 -17.28
N PHE A 801 -8.81 6.41 -18.13
CA PHE A 801 -8.70 5.02 -17.70
C PHE A 801 -7.39 4.47 -18.23
N LYS A 802 -6.53 4.01 -17.33
CA LYS A 802 -5.19 3.54 -17.68
C LYS A 802 -5.08 2.06 -17.34
N ASN A 803 -4.46 1.30 -18.24
CA ASN A 803 -4.26 -0.13 -18.07
C ASN A 803 -2.82 -0.47 -18.45
N GLY A 804 -1.94 -0.53 -17.46
CA GLY A 804 -0.56 -0.91 -17.73
C GLY A 804 0.49 -0.07 -17.03
N ASP A 805 0.07 0.84 -16.16
CA ASP A 805 1.00 1.69 -15.44
C ASP A 805 0.62 1.73 -13.97
N ASP A 806 1.59 1.49 -13.10
CA ASP A 806 1.36 1.48 -11.67
C ASP A 806 1.09 2.91 -11.20
N LEU A 807 0.08 3.07 -10.35
CA LEU A 807 -0.38 4.39 -9.94
C LEU A 807 -0.36 4.57 -8.42
N ARG A 808 0.54 3.89 -7.72
CA ARG A 808 0.73 4.17 -6.30
C ARG A 808 1.85 5.17 -6.08
N GLN A 809 2.76 5.30 -7.05
CA GLN A 809 3.82 6.34 -6.91
C GLN A 809 3.16 7.72 -6.89
N ASP A 810 2.13 7.93 -7.70
CA ASP A 810 1.48 9.26 -7.81
C ASP A 810 0.45 9.46 -6.70
N MET A 811 -0.22 8.39 -6.26
CA MET A 811 -1.28 8.53 -5.26
C MET A 811 -0.67 9.07 -3.97
N LEU A 812 0.62 8.83 -3.78
CA LEU A 812 1.30 9.31 -2.59
C LEU A 812 1.94 10.67 -2.84
N THR A 813 2.37 10.91 -4.08
CA THR A 813 2.90 12.23 -4.44
C THR A 813 1.82 13.30 -4.32
N LEU A 814 0.60 12.99 -4.77
CA LEU A 814 -0.51 13.93 -4.69
C LEU A 814 -1.10 14.05 -3.29
N GLN A 815 -0.72 13.17 -2.36
CA GLN A 815 -1.22 13.30 -1.00
C GLN A 815 -0.30 14.18 -0.16
N ILE A 816 0.98 14.21 -0.51
CA ILE A 816 1.90 15.14 0.13
C ILE A 816 1.56 16.57 -0.28
N ILE A 817 1.41 16.79 -1.59
CA ILE A 817 1.00 18.09 -2.13
C ILE A 817 -0.30 18.59 -1.49
N ARG A 818 -1.18 17.69 -1.09
CA ARG A 818 -2.42 18.06 -0.45
C ARG A 818 -2.27 18.30 1.05
N ILE A 819 -1.17 17.87 1.65
CA ILE A 819 -0.98 18.06 3.09
C ILE A 819 -0.06 19.27 3.29
N MET A 820 0.84 19.50 2.33
CA MET A 820 1.58 20.75 2.30
C MET A 820 0.63 21.94 2.23
N GLU A 821 -0.28 21.93 1.26
CA GLU A 821 -1.17 23.06 1.05
C GLU A 821 -2.09 23.30 2.25
N ASN A 822 -2.35 22.26 3.04
CA ASN A 822 -3.24 22.43 4.19
C ASN A 822 -2.53 23.07 5.37
N ILE A 823 -1.21 23.02 5.41
CA ILE A 823 -0.46 23.71 6.46
C ILE A 823 -0.29 25.18 6.12
N TRP A 824 0.09 25.46 4.87
CA TRP A 824 0.18 26.82 4.36
C TRP A 824 -1.12 27.60 4.60
N GLN A 825 -2.27 26.97 4.36
CA GLN A 825 -3.53 27.68 4.51
C GLN A 825 -3.81 28.05 5.97
N ASN A 826 -3.30 27.28 6.93
CA ASN A 826 -3.57 27.59 8.32
C ASN A 826 -2.53 28.54 8.91
N GLN A 827 -1.32 28.57 8.35
CA GLN A 827 -0.37 29.61 8.73
C GLN A 827 -0.92 30.99 8.41
N GLY A 828 -1.44 31.17 7.20
CA GLY A 828 -1.88 32.45 6.72
C GLY A 828 -1.29 32.75 5.36
N LEU A 829 -0.52 31.81 4.84
CA LEU A 829 0.06 31.89 3.50
C LEU A 829 -0.94 31.31 2.52
N ASP A 830 -1.41 32.12 1.58
CA ASP A 830 -2.44 31.68 0.64
C ASP A 830 -1.80 31.20 -0.65
N LEU A 831 -1.01 30.14 -0.53
CA LEU A 831 -0.49 29.41 -1.68
C LEU A 831 -1.50 28.36 -2.08
N ARG A 832 -1.71 28.20 -3.40
CA ARG A 832 -2.81 27.40 -3.92
C ARG A 832 -2.26 26.29 -4.81
N MET A 833 -2.40 25.05 -4.36
CA MET A 833 -2.09 23.86 -5.12
C MET A 833 -3.36 23.32 -5.75
N LEU A 834 -3.22 22.27 -6.56
CA LEU A 834 -4.37 21.55 -7.10
C LEU A 834 -4.07 20.07 -7.04
N PRO A 835 -4.38 19.42 -5.93
CA PRO A 835 -4.16 17.97 -5.82
C PRO A 835 -5.34 17.16 -6.38
N TYR A 836 -5.39 16.98 -7.70
CA TYR A 836 -6.52 16.30 -8.32
C TYR A 836 -6.61 14.84 -7.89
N GLY A 837 -7.73 14.22 -8.23
CA GLY A 837 -8.01 12.89 -7.74
C GLY A 837 -7.26 11.82 -8.53
N CYS A 838 -6.88 10.75 -7.82
CA CYS A 838 -6.25 9.61 -8.43
C CYS A 838 -6.59 8.39 -7.58
N LEU A 839 -6.66 7.22 -8.23
CA LEU A 839 -7.05 6.00 -7.53
C LEU A 839 -6.65 4.81 -8.36
N SER A 840 -5.93 3.86 -7.74
CA SER A 840 -5.61 2.59 -8.38
C SER A 840 -6.67 1.57 -7.97
N ILE A 841 -7.23 0.89 -8.97
CA ILE A 841 -8.33 -0.03 -8.73
C ILE A 841 -7.85 -1.47 -8.60
N GLY A 842 -6.77 -1.82 -9.29
CA GLY A 842 -6.26 -3.17 -9.26
C GLY A 842 -4.77 -3.26 -9.45
N ASP A 843 -4.31 -4.19 -10.29
CA ASP A 843 -2.90 -4.39 -10.55
C ASP A 843 -2.54 -3.65 -11.84
N CYS A 844 -1.92 -2.48 -11.69
CA CYS A 844 -1.50 -1.66 -12.84
C CYS A 844 -2.71 -1.17 -13.63
N VAL A 845 -3.71 -0.64 -12.93
CA VAL A 845 -4.93 -0.13 -13.53
C VAL A 845 -5.55 0.88 -12.58
N GLY A 846 -5.96 2.03 -13.09
CA GLY A 846 -6.47 3.08 -12.23
C GLY A 846 -7.18 4.17 -13.01
N LEU A 847 -7.67 5.15 -12.24
CA LEU A 847 -8.48 6.25 -12.74
C LEU A 847 -7.74 7.57 -12.55
N ILE A 848 -7.64 8.35 -13.63
CA ILE A 848 -6.93 9.62 -13.62
C ILE A 848 -7.95 10.72 -13.91
N GLU A 849 -8.22 11.57 -12.93
CA GLU A 849 -9.16 12.67 -13.12
C GLU A 849 -8.62 13.72 -14.07
N VAL A 850 -9.51 14.32 -14.86
CA VAL A 850 -9.17 15.35 -15.83
C VAL A 850 -9.64 16.71 -15.33
N VAL A 851 -8.81 17.74 -15.55
CA VAL A 851 -9.10 19.10 -15.09
C VAL A 851 -9.57 19.94 -16.27
N ARG A 852 -10.63 20.71 -16.05
CA ARG A 852 -11.33 21.39 -17.13
C ARG A 852 -10.70 22.74 -17.44
N ASN A 853 -10.59 23.04 -18.74
CA ASN A 853 -10.09 24.34 -19.21
C ASN A 853 -8.68 24.60 -18.70
N SER A 854 -7.75 23.79 -19.19
CA SER A 854 -6.34 23.97 -18.84
C SER A 854 -5.49 23.49 -20.01
N HIS A 855 -4.36 24.16 -20.21
CA HIS A 855 -3.47 23.87 -21.31
C HIS A 855 -2.07 23.68 -20.77
N THR A 856 -1.32 22.76 -21.38
CA THR A 856 0.07 22.56 -21.05
C THR A 856 0.87 23.73 -21.61
N ILE A 857 1.99 24.06 -20.97
CA ILE A 857 2.85 25.14 -21.41
C ILE A 857 3.34 24.86 -22.83
N MET A 858 3.52 23.58 -23.16
CA MET A 858 3.95 23.21 -24.50
C MET A 858 2.92 23.59 -25.55
N GLN A 859 1.64 23.38 -25.25
CA GLN A 859 0.59 23.70 -26.21
C GLN A 859 0.42 25.21 -26.37
N ILE A 860 0.44 25.94 -25.25
CA ILE A 860 0.24 27.38 -25.28
C ILE A 860 1.34 28.10 -26.05
N GLN A 861 2.53 27.52 -26.13
CA GLN A 861 3.65 28.22 -26.75
C GLN A 861 3.87 27.78 -28.18
N CYS A 862 3.64 26.51 -28.48
CA CYS A 862 3.80 26.03 -29.86
C CYS A 862 2.79 26.68 -30.79
N LYS A 863 1.65 27.11 -30.27
CA LYS A 863 0.66 27.81 -31.07
C LYS A 863 1.20 29.15 -31.55
N GLY A 864 1.84 29.90 -30.66
CA GLY A 864 2.21 31.28 -30.93
C GLY A 864 3.49 31.47 -31.71
N GLY A 865 3.62 30.76 -32.83
CA GLY A 865 4.79 30.91 -33.69
C GLY A 865 4.53 31.82 -34.87
N PHE A 872 9.71 30.06 -29.61
CA PHE A 872 11.06 30.60 -29.47
C PHE A 872 11.10 31.76 -28.49
N ASN A 873 10.14 32.68 -28.61
CA ASN A 873 10.12 33.85 -27.76
C ASN A 873 9.80 33.45 -26.33
N SER A 874 10.12 34.35 -25.40
CA SER A 874 9.93 34.09 -23.98
C SER A 874 8.75 34.85 -23.38
N HIS A 875 8.07 35.68 -24.16
CA HIS A 875 6.88 36.39 -23.70
C HIS A 875 5.59 35.73 -24.13
N THR A 876 5.65 34.52 -24.69
CA THR A 876 4.44 33.86 -25.17
C THR A 876 3.48 33.56 -24.03
N LEU A 877 4.00 33.10 -22.89
CA LEU A 877 3.12 32.78 -21.77
C LEU A 877 2.49 34.04 -21.18
N HIS A 878 3.15 35.19 -21.30
CA HIS A 878 2.55 36.43 -20.83
C HIS A 878 1.59 37.03 -21.85
N GLN A 879 1.91 36.95 -23.13
CA GLN A 879 0.97 37.36 -24.16
C GLN A 879 -0.30 36.52 -24.14
N TRP A 880 -0.18 35.19 -24.05
CA TRP A 880 -1.34 34.32 -23.97
C TRP A 880 -2.20 34.65 -22.74
N LEU A 881 -1.59 34.68 -21.56
CA LEU A 881 -2.35 34.91 -20.34
C LEU A 881 -2.90 36.33 -20.28
N LYS A 882 -2.32 37.25 -21.04
CA LYS A 882 -2.85 38.61 -21.10
C LYS A 882 -4.04 38.69 -22.05
N ASP A 883 -3.98 37.95 -23.16
CA ASP A 883 -5.12 37.89 -24.08
C ASP A 883 -6.34 37.29 -23.39
N LYS A 884 -6.17 36.15 -22.73
CA LYS A 884 -7.29 35.39 -22.18
C LYS A 884 -8.03 36.13 -21.07
N ASN A 885 -7.49 37.21 -20.53
CA ASN A 885 -8.23 38.04 -19.59
C ASN A 885 -7.51 39.37 -19.44
N LYS A 886 -8.30 40.44 -19.39
CA LYS A 886 -7.77 41.79 -19.49
C LYS A 886 -8.75 42.80 -18.91
N GLY A 887 -8.24 43.92 -18.40
CA GLY A 887 -9.08 44.92 -17.80
C GLY A 887 -8.89 45.05 -16.31
N GLU A 888 -10.00 45.06 -15.56
CA GLU A 888 -9.98 45.18 -14.12
C GLU A 888 -9.53 43.90 -13.43
N ILE A 889 -9.42 42.80 -14.17
CA ILE A 889 -9.09 41.50 -13.58
C ILE A 889 -7.65 41.09 -13.86
N TYR A 890 -6.89 41.87 -14.64
CA TYR A 890 -5.51 41.51 -14.93
C TYR A 890 -4.63 41.46 -13.68
N ASP A 891 -5.04 42.15 -12.61
CA ASP A 891 -4.30 42.10 -11.35
C ASP A 891 -4.71 40.91 -10.50
N ALA A 892 -5.49 39.99 -11.04
CA ALA A 892 -5.82 38.73 -10.38
C ALA A 892 -5.25 37.53 -11.10
N ALA A 893 -5.06 37.60 -12.41
CA ALA A 893 -4.40 36.53 -13.15
C ALA A 893 -2.88 36.59 -13.03
N ILE A 894 -2.36 37.55 -12.28
CA ILE A 894 -0.92 37.65 -12.04
C ILE A 894 -0.67 37.39 -10.56
N ASP A 895 -1.65 37.74 -9.73
CA ASP A 895 -1.55 37.42 -8.31
C ASP A 895 -1.71 35.92 -8.08
N LEU A 896 -2.40 35.24 -8.99
CA LEU A 896 -2.66 33.82 -8.86
C LEU A 896 -1.60 32.96 -9.55
N PHE A 897 -0.98 33.46 -10.61
CA PHE A 897 0.16 32.76 -11.18
C PHE A 897 1.37 32.80 -10.25
N THR A 898 1.38 33.71 -9.28
CA THR A 898 2.45 33.86 -8.31
C THR A 898 2.17 33.16 -6.99
N ARG A 899 0.94 33.20 -6.50
CA ARG A 899 0.56 32.42 -5.32
C ARG A 899 0.56 30.92 -5.57
N SER A 900 0.79 30.48 -6.81
CA SER A 900 0.82 29.06 -7.11
C SER A 900 2.09 28.64 -7.86
N CYS A 901 2.86 29.57 -8.40
CA CYS A 901 4.17 29.24 -8.91
C CYS A 901 5.20 29.16 -7.80
N ALA A 902 4.88 29.68 -6.61
CA ALA A 902 5.76 29.55 -5.47
C ALA A 902 5.52 28.23 -4.74
N GLY A 903 4.25 27.90 -4.49
CA GLY A 903 3.95 26.66 -3.78
C GLY A 903 4.46 25.43 -4.49
N TYR A 904 4.36 25.39 -5.82
CA TYR A 904 4.85 24.27 -6.60
C TYR A 904 6.35 24.33 -6.85
N CYS A 905 7.07 25.18 -6.13
CA CYS A 905 8.53 25.21 -6.13
C CYS A 905 9.13 24.91 -4.77
N VAL A 906 8.37 25.17 -3.71
CA VAL A 906 8.76 24.83 -2.35
C VAL A 906 8.18 23.44 -2.05
N ALA A 907 7.72 22.77 -3.09
CA ALA A 907 7.22 21.39 -3.00
C ALA A 907 7.92 20.44 -3.96
N THR A 908 8.28 20.89 -5.16
CA THR A 908 9.10 20.07 -6.03
C THR A 908 10.57 20.14 -5.69
N PHE A 909 10.94 20.93 -4.68
CA PHE A 909 12.30 20.92 -4.14
C PHE A 909 12.41 20.05 -2.90
N ILE A 910 11.45 20.19 -1.97
CA ILE A 910 11.52 19.43 -0.69
C ILE A 910 11.40 17.93 -0.97
N LEU A 911 10.84 17.53 -2.11
CA LEU A 911 10.61 16.08 -2.38
C LEU A 911 11.56 15.60 -3.49
N GLY A 912 12.59 16.38 -3.81
CA GLY A 912 13.58 15.96 -4.82
C GLY A 912 12.93 15.55 -6.13
N ILE A 913 11.97 16.34 -6.62
CA ILE A 913 11.35 16.04 -7.95
C ILE A 913 12.17 16.78 -9.01
N GLY A 914 12.59 16.07 -10.07
CA GLY A 914 13.43 16.69 -11.07
C GLY A 914 12.99 16.36 -12.47
N ASP A 915 11.87 15.66 -12.60
CA ASP A 915 11.29 15.32 -13.90
C ASP A 915 10.21 16.34 -14.24
N ARG A 916 10.65 17.48 -14.75
CA ARG A 916 9.77 18.59 -15.09
C ARG A 916 10.17 19.14 -16.45
N HIS A 917 9.18 19.40 -17.30
CA HIS A 917 9.40 20.04 -18.59
C HIS A 917 8.07 20.64 -19.03
N ASN A 918 7.99 21.03 -20.31
CA ASN A 918 6.79 21.70 -20.81
C ASN A 918 5.57 20.79 -20.74
N SER A 919 5.69 19.57 -21.28
CA SER A 919 4.54 18.70 -21.46
C SER A 919 3.87 18.27 -20.17
N ASN A 920 4.51 18.45 -19.01
CA ASN A 920 3.90 18.07 -17.74
C ASN A 920 3.71 19.26 -16.82
N ILE A 921 3.78 20.48 -17.35
CA ILE A 921 3.42 21.69 -16.63
C ILE A 921 2.23 22.32 -17.34
N MET A 922 1.25 22.76 -16.56
CA MET A 922 0.00 23.27 -17.12
C MET A 922 -0.45 24.50 -16.35
N VAL A 923 -0.90 25.52 -17.09
CA VAL A 923 -1.50 26.72 -16.51
C VAL A 923 -2.98 26.67 -16.83
N LYS A 924 -3.81 26.87 -15.81
CA LYS A 924 -5.16 26.35 -15.89
C LYS A 924 -6.12 27.24 -16.68
N ASP A 925 -6.64 28.31 -16.08
CA ASP A 925 -7.55 29.16 -16.84
C ASP A 925 -7.26 30.63 -16.63
N ASP A 926 -6.98 31.00 -15.39
CA ASP A 926 -6.65 32.36 -14.97
C ASP A 926 -5.25 32.42 -14.41
N GLY A 927 -4.34 31.63 -14.99
CA GLY A 927 -2.98 31.58 -14.50
C GLY A 927 -2.83 30.90 -13.15
N GLN A 928 -3.02 29.59 -13.09
CA GLN A 928 -2.88 28.88 -11.82
C GLN A 928 -1.70 27.92 -11.75
N LEU A 929 -1.02 27.62 -12.87
CA LEU A 929 0.28 26.96 -12.80
C LEU A 929 0.23 25.58 -12.14
N PHE A 930 -0.21 24.59 -12.92
CA PHE A 930 -0.61 23.28 -12.44
C PHE A 930 0.41 22.22 -12.88
N HIS A 931 0.85 21.38 -11.94
CA HIS A 931 1.78 20.28 -12.22
C HIS A 931 1.07 18.94 -12.36
N ILE A 932 1.61 18.11 -13.25
CA ILE A 932 0.95 16.88 -13.68
C ILE A 932 2.00 15.79 -13.86
N ASP A 933 1.55 14.54 -13.97
CA ASP A 933 2.39 13.42 -14.39
C ASP A 933 3.52 13.09 -13.42
N PHE A 934 3.20 12.71 -12.18
CA PHE A 934 4.21 12.38 -11.18
C PHE A 934 4.53 10.89 -11.21
N GLY A 935 4.92 10.37 -12.37
CA GLY A 935 5.10 8.94 -12.49
C GLY A 935 6.54 8.47 -12.65
N HIS A 936 7.33 9.21 -13.43
CA HIS A 936 8.74 8.88 -13.62
C HIS A 936 9.65 9.78 -12.80
N PHE A 937 9.10 10.36 -11.73
CA PHE A 937 9.77 11.05 -10.64
C PHE A 937 11.08 10.39 -10.22
N LEU A 938 11.13 9.06 -10.27
CA LEU A 938 12.30 8.26 -9.92
C LEU A 938 12.85 7.64 -11.19
N ASP A 939 13.58 6.53 -11.04
CA ASP A 939 14.29 5.81 -12.09
C ASP A 939 15.71 6.33 -12.31
N HIS A 940 16.19 7.20 -11.42
CA HIS A 940 17.61 7.52 -11.36
C HIS A 940 18.12 7.63 -9.93
N LYS A 941 17.30 7.23 -8.96
CA LYS A 941 17.69 7.31 -7.53
C LYS A 941 16.89 6.27 -6.74
N GLU A 950 23.65 12.97 -8.54
CA GLU A 950 24.08 14.01 -7.62
C GLU A 950 22.91 14.51 -6.77
N ARG A 951 22.19 15.51 -7.30
CA ARG A 951 20.97 15.99 -6.68
C ARG A 951 20.16 16.80 -7.68
N VAL A 952 18.95 17.21 -7.31
CA VAL A 952 18.06 17.93 -8.20
C VAL A 952 17.95 19.39 -7.75
N PRO A 953 18.53 20.35 -8.49
CA PRO A 953 18.66 21.70 -7.94
C PRO A 953 17.38 22.50 -7.78
N PHE A 954 16.75 22.88 -8.89
CA PHE A 954 15.69 23.88 -8.85
C PHE A 954 15.30 24.15 -10.31
N VAL A 955 14.21 24.88 -10.58
CA VAL A 955 13.95 25.20 -11.99
C VAL A 955 13.84 26.70 -12.29
N LEU A 956 12.74 27.33 -11.84
CA LEU A 956 12.44 28.75 -12.07
C LEU A 956 12.84 29.27 -13.44
N THR A 957 12.22 28.76 -14.50
CA THR A 957 12.60 29.13 -15.85
C THR A 957 12.38 30.61 -16.11
N GLN A 958 12.91 31.07 -17.25
CA GLN A 958 12.96 32.51 -17.51
C GLN A 958 11.58 33.06 -17.84
N ASP A 959 10.77 32.30 -18.57
CA ASP A 959 9.49 32.81 -19.02
C ASP A 959 8.44 32.79 -17.92
N PHE A 960 8.71 32.07 -16.83
CA PHE A 960 7.86 32.18 -15.66
C PHE A 960 8.23 33.40 -14.82
N LEU A 961 9.45 33.91 -15.00
CA LEU A 961 9.83 35.14 -14.33
C LEU A 961 9.16 36.36 -14.96
N ILE A 962 9.06 36.37 -16.29
CA ILE A 962 8.44 37.49 -16.98
C ILE A 962 6.98 37.63 -16.58
N VAL A 963 6.30 36.51 -16.35
CA VAL A 963 4.90 36.57 -15.95
C VAL A 963 4.77 37.08 -14.52
N ILE A 964 5.82 36.91 -13.71
CA ILE A 964 5.80 37.38 -12.33
C ILE A 964 6.12 38.87 -12.27
N SER A 965 7.09 39.31 -13.06
CA SER A 965 7.50 40.70 -13.10
C SER A 965 6.67 41.54 -14.08
N LYS A 966 5.48 41.05 -14.46
CA LYS A 966 4.54 41.80 -15.27
C LYS A 966 5.10 42.13 -16.64
N GLY A 967 5.86 41.21 -17.22
CA GLY A 967 6.38 41.38 -18.56
C GLY A 967 7.54 42.35 -18.69
N ALA A 968 8.04 42.89 -17.59
CA ALA A 968 9.18 43.79 -17.64
C ALA A 968 10.39 43.10 -18.27
N GLN A 969 11.21 43.89 -18.96
CA GLN A 969 12.40 43.35 -19.61
C GLN A 969 13.37 42.77 -18.58
N GLU A 970 13.76 43.58 -17.60
CA GLU A 970 14.66 43.11 -16.56
C GLU A 970 13.86 42.58 -15.38
N CYS A 971 13.88 41.26 -15.21
CA CYS A 971 13.13 40.61 -14.14
C CYS A 971 13.99 40.30 -12.92
N THR A 972 15.31 40.36 -13.06
CA THR A 972 16.20 39.93 -11.99
C THR A 972 16.20 40.92 -10.83
N LYS A 973 15.94 42.20 -11.11
CA LYS A 973 15.87 43.21 -10.07
C LYS A 973 14.49 43.81 -9.90
N THR A 974 13.45 43.19 -10.44
CA THR A 974 12.11 43.74 -10.40
C THR A 974 11.58 43.79 -8.97
N ARG A 975 10.78 44.80 -8.65
CA ARG A 975 10.30 44.97 -7.27
C ARG A 975 9.19 43.98 -6.93
N GLU A 976 8.45 43.50 -7.93
CA GLU A 976 7.32 42.61 -7.65
C GLU A 976 7.74 41.24 -7.14
N PHE A 977 8.87 40.68 -7.60
CA PHE A 977 9.20 39.34 -7.15
C PHE A 977 10.01 39.34 -5.86
N GLU A 978 10.26 40.50 -5.26
CA GLU A 978 10.91 40.54 -3.97
C GLU A 978 9.95 40.21 -2.84
N ARG A 979 8.65 40.35 -3.08
CA ARG A 979 7.66 39.73 -2.21
C ARG A 979 7.33 38.31 -2.65
N PHE A 980 7.80 37.93 -3.84
CA PHE A 980 7.77 36.54 -4.29
C PHE A 980 8.76 35.66 -3.53
N GLN A 981 10.03 36.03 -3.52
CA GLN A 981 11.02 35.32 -2.70
C GLN A 981 10.69 35.39 -1.22
N GLU A 982 10.02 36.46 -0.79
CA GLU A 982 9.64 36.55 0.62
C GLU A 982 8.56 35.55 1.00
N MET A 983 7.79 35.06 0.03
CA MET A 983 6.74 34.09 0.32
C MET A 983 7.17 32.67 0.01
N CYS A 984 8.29 32.48 -0.67
CA CYS A 984 8.93 31.17 -0.74
C CYS A 984 9.71 30.87 0.54
N TYR A 985 10.20 31.91 1.21
CA TYR A 985 10.92 31.71 2.47
C TYR A 985 9.96 31.31 3.58
N LYS A 986 8.81 31.99 3.67
CA LYS A 986 7.82 31.62 4.67
C LYS A 986 7.25 30.22 4.43
N ALA A 987 7.30 29.73 3.19
CA ALA A 987 6.80 28.41 2.85
C ALA A 987 7.80 27.33 3.22
N TYR A 988 9.05 27.49 2.79
CA TYR A 988 10.10 26.54 3.12
C TYR A 988 10.23 26.28 4.62
N LEU A 989 9.94 27.28 5.45
CA LEU A 989 10.10 27.11 6.88
C LEU A 989 8.94 26.32 7.49
N ALA A 990 7.70 26.63 7.08
CA ALA A 990 6.54 25.98 7.67
C ALA A 990 6.50 24.50 7.30
N ILE A 991 7.09 24.12 6.18
CA ILE A 991 7.22 22.71 5.85
C ILE A 991 8.41 22.11 6.58
N ARG A 992 9.23 22.95 7.22
CA ARG A 992 10.35 22.46 8.01
C ARG A 992 10.02 22.37 9.50
N GLN A 993 9.05 23.14 9.99
CA GLN A 993 8.54 22.91 11.34
C GLN A 993 7.59 21.73 11.42
N HIS A 994 7.28 21.12 10.27
CA HIS A 994 6.43 19.92 10.19
C HIS A 994 7.14 18.86 9.37
N ALA A 995 8.42 18.67 9.65
CA ALA A 995 9.20 17.66 8.94
C ALA A 995 9.07 16.28 9.55
N ASN A 996 8.73 16.19 10.84
CA ASN A 996 8.49 14.89 11.47
C ASN A 996 7.28 14.20 10.83
N LEU A 997 6.17 14.91 10.74
CA LEU A 997 4.95 14.36 10.15
C LEU A 997 5.20 13.84 8.74
N PHE A 998 6.02 14.52 7.96
CA PHE A 998 6.36 14.00 6.64
C PHE A 998 7.28 12.79 6.72
N ILE A 999 8.06 12.66 7.79
CA ILE A 999 8.91 11.48 7.96
C ILE A 999 8.08 10.28 8.39
N ASN A 1000 7.03 10.51 9.17
CA ASN A 1000 6.16 9.45 9.67
C ASN A 1000 5.08 9.04 8.68
N LEU A 1001 5.25 9.37 7.40
CA LEU A 1001 4.33 8.92 6.36
C LEU A 1001 5.03 8.15 5.25
N PHE A 1002 6.32 8.40 5.01
CA PHE A 1002 7.10 7.54 4.15
C PHE A 1002 7.60 6.30 4.86
N SER A 1003 7.61 6.30 6.19
CA SER A 1003 8.04 5.14 6.96
C SER A 1003 6.90 4.18 7.26
N MET A 1004 5.67 4.66 7.28
CA MET A 1004 4.50 3.80 7.35
C MET A 1004 4.21 3.11 6.02
N MET A 1005 5.00 3.38 4.98
CA MET A 1005 4.76 2.89 3.64
C MET A 1005 5.92 2.02 3.14
N LEU A 1006 6.76 1.51 4.04
CA LEU A 1006 7.96 0.80 3.63
C LEU A 1006 7.70 -0.67 3.29
N GLY A 1007 6.83 -1.34 4.03
CA GLY A 1007 6.38 -2.66 3.68
C GLY A 1007 5.20 -2.69 2.73
N SER A 1008 4.93 -1.60 2.02
CA SER A 1008 3.81 -1.56 1.10
C SER A 1008 4.06 -2.44 -0.12
N GLY A 1009 5.32 -2.71 -0.45
CA GLY A 1009 5.65 -3.43 -1.64
C GLY A 1009 6.05 -2.56 -2.81
N MET A 1010 5.93 -1.24 -2.69
CA MET A 1010 6.38 -0.36 -3.75
C MET A 1010 7.89 -0.52 -3.96
N PRO A 1011 8.36 -0.63 -5.20
CA PRO A 1011 9.76 -0.99 -5.42
C PRO A 1011 10.76 0.09 -5.08
N GLU A 1012 10.33 1.30 -4.74
CA GLU A 1012 11.25 2.38 -4.40
C GLU A 1012 11.03 2.94 -3.01
N LEU A 1013 10.23 2.28 -2.18
CA LEU A 1013 10.10 2.66 -0.77
C LEU A 1013 10.15 1.35 0.03
N GLN A 1014 11.38 0.93 0.36
CA GLN A 1014 11.64 -0.35 0.99
C GLN A 1014 12.28 -0.21 2.37
N SER A 1015 13.39 0.52 2.44
CA SER A 1015 14.14 0.71 3.67
C SER A 1015 14.25 2.20 3.96
N PHE A 1016 14.72 2.52 5.17
CA PHE A 1016 14.94 3.91 5.55
C PHE A 1016 16.07 4.56 4.75
N ASP A 1017 16.82 3.79 3.96
CA ASP A 1017 17.84 4.36 3.09
C ASP A 1017 17.24 5.21 1.98
N ASP A 1018 15.94 5.10 1.73
CA ASP A 1018 15.28 5.85 0.67
C ASP A 1018 14.58 7.11 1.16
N ILE A 1019 14.33 7.23 2.47
CA ILE A 1019 13.71 8.40 3.06
C ILE A 1019 14.83 9.26 3.64
N ALA A 1020 16.05 9.05 3.12
CA ALA A 1020 17.21 9.78 3.62
C ALA A 1020 17.31 11.16 3.00
N TYR A 1021 16.86 11.32 1.76
CA TYR A 1021 17.00 12.57 1.04
C TYR A 1021 16.10 13.68 1.58
N ILE A 1022 15.12 13.35 2.42
CA ILE A 1022 14.33 14.39 3.08
C ILE A 1022 15.19 15.21 4.02
N ARG A 1023 16.20 14.61 4.63
CA ARG A 1023 17.02 15.32 5.59
C ARG A 1023 18.09 16.17 4.92
N LYS A 1024 18.36 15.94 3.64
CA LYS A 1024 19.34 16.74 2.92
C LYS A 1024 18.72 17.94 2.21
N THR A 1025 17.40 17.96 2.02
CA THR A 1025 16.72 19.10 1.45
C THR A 1025 16.05 20.00 2.48
N LEU A 1026 15.68 19.47 3.63
CA LEU A 1026 15.17 20.29 4.71
C LEU A 1026 16.24 20.77 5.66
N ALA A 1027 17.48 20.32 5.48
CA ALA A 1027 18.63 20.74 6.31
C ALA A 1027 18.34 20.48 7.79
N LEU A 1028 18.20 19.20 8.11
CA LEU A 1028 17.82 18.80 9.46
C LEU A 1028 18.99 18.63 10.39
N ASP A 1029 20.21 18.49 9.85
CA ASP A 1029 21.40 18.49 10.69
C ASP A 1029 21.84 19.91 11.03
N LYS A 1030 21.52 20.86 10.16
CA LYS A 1030 21.85 22.26 10.39
C LYS A 1030 20.90 22.84 11.43
N THR A 1031 20.99 24.13 11.68
CA THR A 1031 20.05 24.85 12.52
C THR A 1031 19.14 25.71 11.64
N GLU A 1032 18.14 26.32 12.27
CA GLU A 1032 17.08 27.00 11.53
C GLU A 1032 17.64 28.14 10.68
N GLN A 1033 18.37 29.05 11.31
CA GLN A 1033 18.96 30.16 10.56
C GLN A 1033 20.00 29.68 9.55
N GLU A 1034 20.64 28.54 9.80
CA GLU A 1034 21.54 27.96 8.82
C GLU A 1034 20.78 27.20 7.74
N ALA A 1035 19.58 26.72 8.07
CA ALA A 1035 18.74 26.06 7.08
C ALA A 1035 18.24 27.05 6.04
N LEU A 1036 17.67 28.18 6.49
CA LEU A 1036 17.20 29.23 5.59
C LEU A 1036 18.28 29.69 4.63
N GLU A 1037 19.51 29.87 5.10
CA GLU A 1037 20.62 30.24 4.22
C GLU A 1037 20.97 29.16 3.23
N TYR A 1038 20.69 27.89 3.55
CA TYR A 1038 20.89 26.82 2.58
C TYR A 1038 19.91 26.92 1.42
N PHE A 1039 18.70 27.40 1.67
CA PHE A 1039 17.70 27.46 0.61
C PHE A 1039 17.83 28.74 -0.21
N MET A 1040 18.15 29.87 0.44
CA MET A 1040 18.42 31.08 -0.32
C MET A 1040 19.57 30.87 -1.30
N LYS A 1041 20.57 30.08 -0.91
CA LYS A 1041 21.64 29.73 -1.84
C LYS A 1041 21.12 28.84 -2.96
N GLN A 1042 20.08 28.05 -2.70
CA GLN A 1042 19.57 27.14 -3.71
C GLN A 1042 18.77 27.89 -4.77
N MET A 1043 17.95 28.85 -4.36
CA MET A 1043 17.19 29.66 -5.30
C MET A 1043 18.14 30.43 -6.21
N ASN A 1044 19.09 31.17 -5.62
CA ASN A 1044 19.98 32.01 -6.40
C ASN A 1044 20.82 31.21 -7.38
N ASP A 1045 21.11 29.94 -7.06
CA ASP A 1045 21.85 29.10 -7.99
C ASP A 1045 21.02 28.69 -9.19
N ALA A 1046 19.69 28.76 -9.10
CA ALA A 1046 18.82 28.44 -10.21
C ALA A 1046 18.00 29.61 -10.72
N ARG A 1047 17.86 30.68 -9.91
CA ARG A 1047 17.26 31.92 -10.39
C ARG A 1047 17.94 32.38 -11.67
N HIS A 1048 19.27 32.26 -11.75
CA HIS A 1048 20.01 32.43 -12.98
C HIS A 1048 20.87 31.21 -13.30
N GLY A 1049 20.40 30.02 -12.95
CA GLY A 1049 21.15 28.80 -13.18
C GLY A 1049 20.92 28.18 -14.55
N GLY A 1050 21.44 28.83 -15.59
CA GLY A 1050 21.33 28.31 -16.94
C GLY A 1050 20.15 28.87 -17.72
N ASN B 2 56.14 7.51 18.60
CA ASN B 2 55.22 6.79 19.47
C ASN B 2 54.13 6.09 18.66
N ASN B 3 53.11 5.62 19.36
CA ASN B 3 51.93 5.05 18.71
C ASN B 3 50.83 6.09 18.51
N ASN B 4 51.09 7.34 18.89
CA ASN B 4 50.15 8.44 18.70
C ASN B 4 50.48 9.14 17.39
N MET B 5 49.73 8.82 16.34
CA MET B 5 49.88 9.42 15.03
C MET B 5 48.70 10.36 14.76
N SER B 6 48.66 10.92 13.56
CA SER B 6 47.55 11.77 13.13
C SER B 6 46.50 10.92 12.44
N LEU B 7 45.23 11.29 12.67
CA LEU B 7 44.13 10.53 12.08
C LEU B 7 44.01 10.71 10.57
N GLN B 8 44.80 11.60 9.98
CA GLN B 8 44.78 11.73 8.52
C GLN B 8 45.31 10.47 7.84
N ASP B 9 46.21 9.74 8.51
CA ASP B 9 46.74 8.50 7.97
C ASP B 9 46.22 7.26 8.67
N ALA B 10 45.26 7.41 9.59
CA ALA B 10 44.63 6.24 10.18
C ALA B 10 43.88 5.47 9.10
N GLU B 11 44.38 4.28 8.77
CA GLU B 11 43.76 3.45 7.74
C GLU B 11 42.31 3.11 8.07
N TRP B 12 41.98 2.99 9.35
CA TRP B 12 40.59 2.80 9.76
C TRP B 12 39.77 4.09 9.76
N TYR B 13 40.37 5.23 9.44
CA TYR B 13 39.69 6.52 9.50
C TYR B 13 39.11 6.88 8.14
N TRP B 14 37.82 7.20 8.13
CA TRP B 14 37.10 7.54 6.92
C TRP B 14 36.65 8.99 6.85
N GLY B 15 36.16 9.56 7.96
CA GLY B 15 35.91 10.98 8.02
C GLY B 15 34.55 11.43 7.54
N ASP B 16 34.50 11.92 6.31
CA ASP B 16 33.29 12.52 5.75
C ASP B 16 32.60 11.53 4.81
N ILE B 17 31.78 10.65 5.41
CA ILE B 17 30.91 9.76 4.67
C ILE B 17 29.59 9.64 5.42
N SER B 18 28.57 9.16 4.72
CA SER B 18 27.20 9.16 5.21
C SER B 18 26.93 7.93 6.08
N ARG B 19 25.88 8.04 6.89
CA ARG B 19 25.43 6.90 7.68
C ARG B 19 24.98 5.73 6.81
N GLU B 20 24.57 5.99 5.58
CA GLU B 20 24.06 4.96 4.68
C GLU B 20 25.15 4.31 3.84
N GLU B 21 26.43 4.58 4.14
CA GLU B 21 27.51 3.84 3.51
C GLU B 21 28.32 3.10 4.58
N VAL B 22 28.15 3.49 5.83
CA VAL B 22 28.72 2.73 6.93
C VAL B 22 27.90 1.46 7.17
N ASN B 23 26.63 1.48 6.78
CA ASN B 23 25.77 0.32 7.03
C ASN B 23 26.13 -0.86 6.16
N GLU B 24 26.53 -0.63 4.91
CA GLU B 24 26.97 -1.71 4.02
C GLU B 24 28.48 -1.91 4.08
N LYS B 25 29.11 -1.51 5.18
CA LYS B 25 30.51 -1.83 5.43
C LYS B 25 30.62 -2.62 6.72
N LEU B 26 29.57 -2.57 7.53
CA LEU B 26 29.43 -3.40 8.71
C LEU B 26 28.27 -4.38 8.56
N ARG B 27 28.02 -4.83 7.33
CA ARG B 27 26.91 -5.70 7.00
C ARG B 27 27.39 -7.15 7.00
N ASP B 28 26.91 -7.94 7.96
CA ASP B 28 27.24 -9.36 8.06
C ASP B 28 28.74 -9.57 8.24
N THR B 29 29.33 -8.87 9.21
CA THR B 29 30.75 -8.95 9.49
C THR B 29 30.96 -9.39 10.93
N ALA B 30 32.14 -9.96 11.19
CA ALA B 30 32.45 -10.45 12.52
C ALA B 30 32.46 -9.31 13.53
N ASP B 31 32.32 -9.68 14.80
CA ASP B 31 32.34 -8.70 15.87
C ASP B 31 33.72 -8.03 15.94
N GLY B 32 33.78 -6.93 16.69
CA GLY B 32 35.00 -6.16 16.75
C GLY B 32 35.43 -5.58 15.43
N THR B 33 34.48 -5.24 14.57
CA THR B 33 34.74 -4.51 13.34
C THR B 33 34.29 -3.07 13.57
N PHE B 34 35.11 -2.11 13.12
CA PHE B 34 34.88 -0.72 13.50
C PHE B 34 35.51 0.22 12.47
N LEU B 35 35.08 1.48 12.56
CA LEU B 35 35.71 2.59 11.86
C LEU B 35 35.26 3.89 12.52
N VAL B 36 35.97 4.98 12.21
CA VAL B 36 35.70 6.29 12.77
C VAL B 36 35.48 7.27 11.63
N ARG B 37 34.46 8.13 11.78
CA ARG B 37 34.12 9.12 10.76
C ARG B 37 33.72 10.41 11.46
N ASP B 38 33.70 11.49 10.68
CA ASP B 38 33.29 12.78 11.21
C ASP B 38 31.80 12.77 11.56
N ALA B 39 31.46 13.49 12.62
CA ALA B 39 30.06 13.59 13.02
C ALA B 39 29.25 14.28 11.94
N SER B 40 27.93 14.06 11.95
CA SER B 40 27.07 14.68 10.95
C SER B 40 26.69 16.10 11.33
N THR B 41 26.69 16.41 12.63
CA THR B 41 26.40 17.77 13.06
C THR B 41 27.54 18.73 12.77
N LYS B 42 28.72 18.22 12.39
CA LYS B 42 29.80 19.03 11.84
C LYS B 42 30.29 20.09 12.82
N MET B 43 30.79 19.63 13.96
CA MET B 43 31.47 20.54 14.88
C MET B 43 32.97 20.58 14.64
N HIS B 44 33.45 19.94 13.57
CA HIS B 44 34.86 19.96 13.22
C HIS B 44 35.73 19.32 14.30
N GLY B 45 35.60 18.01 14.51
CA GLY B 45 36.38 17.35 15.54
C GLY B 45 35.63 16.49 16.54
N ASP B 46 34.50 15.92 16.14
CA ASP B 46 33.75 15.01 17.01
C ASP B 46 34.06 13.55 16.74
N TYR B 47 34.07 13.12 15.48
CA TYR B 47 34.58 11.80 15.12
C TYR B 47 33.82 10.65 15.78
N THR B 48 32.56 10.45 15.42
CA THR B 48 31.79 9.36 16.02
C THR B 48 32.39 8.01 15.67
N LEU B 49 32.15 7.03 16.54
CA LEU B 49 32.64 5.66 16.36
C LEU B 49 31.45 4.71 16.23
N THR B 50 31.56 3.76 15.30
CA THR B 50 30.52 2.76 15.06
C THR B 50 31.10 1.37 15.30
N LEU B 51 30.46 0.60 16.16
CA LEU B 51 30.94 -0.71 16.57
C LEU B 51 29.92 -1.77 16.17
N ARG B 52 30.41 -2.89 15.62
CA ARG B 52 29.57 -4.02 15.22
C ARG B 52 29.68 -5.12 16.28
N LYS B 53 28.77 -5.12 17.24
CA LYS B 53 28.74 -6.12 18.29
C LYS B 53 27.52 -7.03 18.07
N GLY B 54 27.71 -8.09 17.29
CA GLY B 54 26.69 -9.11 17.14
C GLY B 54 25.46 -8.68 16.36
N GLY B 55 25.62 -8.41 15.07
CA GLY B 55 24.50 -8.08 14.23
C GLY B 55 24.23 -6.59 14.15
N ASN B 56 23.92 -5.98 15.29
CA ASN B 56 23.67 -4.55 15.33
C ASN B 56 24.95 -3.76 15.08
N ASN B 57 24.77 -2.51 14.64
CA ASN B 57 25.86 -1.56 14.46
C ASN B 57 25.77 -0.53 15.59
N LYS B 58 26.61 -0.69 16.60
CA LYS B 58 26.64 0.26 17.70
C LYS B 58 27.35 1.54 17.27
N LEU B 59 27.00 2.64 17.92
CA LEU B 59 27.51 3.95 17.52
C LEU B 59 27.90 4.74 18.76
N ILE B 60 29.17 5.12 18.85
CA ILE B 60 29.76 5.65 20.08
C ILE B 60 30.32 7.04 19.80
N LYS B 61 30.17 7.94 20.77
CA LYS B 61 30.55 9.34 20.63
C LYS B 61 31.94 9.59 21.20
N ILE B 62 32.72 10.44 20.53
CA ILE B 62 34.05 10.83 20.98
C ILE B 62 34.03 12.34 21.26
N PHE B 63 33.96 12.70 22.53
CA PHE B 63 33.88 14.10 22.91
C PHE B 63 35.24 14.79 22.82
N HIS B 64 35.23 16.09 22.61
CA HIS B 64 36.42 16.90 22.31
C HIS B 64 36.44 18.18 23.13
N ARG B 65 36.28 18.07 24.44
CA ARG B 65 36.47 19.27 25.24
C ARG B 65 37.97 19.52 25.48
N ASP B 66 38.31 20.82 25.55
CA ASP B 66 39.61 21.39 25.95
C ASP B 66 40.81 20.52 25.54
N GLY B 67 40.84 20.14 24.27
CA GLY B 67 41.96 19.41 23.73
C GLY B 67 42.15 18.01 24.27
N LYS B 68 41.15 17.43 24.93
CA LYS B 68 41.24 16.08 25.45
C LYS B 68 40.19 15.21 24.77
N TYR B 69 40.41 13.90 24.83
CA TYR B 69 39.54 12.92 24.19
C TYR B 69 39.07 11.88 25.19
N GLY B 70 38.05 11.13 24.78
CA GLY B 70 37.52 10.06 25.59
C GLY B 70 36.04 9.88 25.33
N PHE B 71 35.44 9.01 26.14
CA PHE B 71 34.01 8.70 26.06
C PHE B 71 33.23 9.31 27.22
N SER B 72 33.82 9.37 28.40
CA SER B 72 33.18 9.90 29.60
C SER B 72 33.66 11.33 29.85
N ASP B 73 33.31 11.88 31.02
CA ASP B 73 33.68 13.25 31.35
C ASP B 73 35.19 13.42 31.48
N PRO B 74 35.92 12.59 32.22
CA PRO B 74 37.37 12.77 32.31
C PRO B 74 38.09 12.43 31.02
N LEU B 75 38.01 13.32 30.02
CA LEU B 75 38.75 13.15 28.78
C LEU B 75 40.24 13.24 29.08
N THR B 76 40.96 12.13 28.92
CA THR B 76 42.34 12.05 29.38
C THR B 76 43.27 11.44 28.34
N PHE B 77 42.92 11.51 27.05
CA PHE B 77 43.78 11.00 25.99
C PHE B 77 44.18 12.12 25.04
N SER B 78 45.22 11.85 24.27
CA SER B 78 45.78 12.87 23.39
C SER B 78 45.04 12.95 22.06
N SER B 79 45.06 11.86 21.28
CA SER B 79 44.48 11.85 19.95
C SER B 79 43.59 10.63 19.79
N VAL B 80 42.85 10.61 18.68
CA VAL B 80 42.00 9.45 18.39
C VAL B 80 42.85 8.24 18.04
N VAL B 81 43.99 8.47 17.38
CA VAL B 81 44.92 7.38 17.14
C VAL B 81 45.45 6.81 18.44
N GLU B 82 45.48 7.62 19.51
CA GLU B 82 45.78 7.10 20.83
C GLU B 82 44.62 6.32 21.41
N LEU B 83 43.43 6.92 21.44
CA LEU B 83 42.24 6.26 22.00
C LEU B 83 41.84 5.01 21.23
N ILE B 84 42.10 4.98 19.92
CA ILE B 84 41.71 3.82 19.12
C ILE B 84 42.72 2.69 19.31
N ASN B 85 43.99 3.04 19.47
CA ASN B 85 45.01 2.00 19.70
C ASN B 85 44.93 1.46 21.10
N HIS B 86 44.46 2.26 22.06
CA HIS B 86 44.30 1.77 23.43
C HIS B 86 43.26 0.66 23.53
N TYR B 87 42.23 0.70 22.67
CA TYR B 87 41.15 -0.28 22.73
C TYR B 87 41.27 -1.35 21.66
N ARG B 88 42.27 -1.28 20.78
CA ARG B 88 42.55 -2.39 19.87
C ARG B 88 43.26 -3.54 20.58
N ASN B 89 43.60 -3.37 21.86
CA ASN B 89 44.14 -4.44 22.68
C ASN B 89 43.55 -4.50 24.07
N GLU B 90 42.57 -3.66 24.40
CA GLU B 90 41.87 -3.69 25.67
C GLU B 90 40.38 -3.89 25.42
N SER B 91 39.67 -4.29 26.47
CA SER B 91 38.25 -4.58 26.37
C SER B 91 37.43 -3.33 26.65
N LEU B 92 36.37 -3.15 25.87
CA LEU B 92 35.46 -2.03 26.03
C LEU B 92 34.58 -2.12 27.27
N ALA B 93 34.70 -3.21 28.04
CA ALA B 93 33.99 -3.32 29.32
C ALA B 93 34.50 -2.35 30.37
N GLN B 94 35.65 -1.70 30.13
CA GLN B 94 36.11 -0.65 31.02
C GLN B 94 35.09 0.48 31.10
N TYR B 95 34.59 0.91 29.94
CA TYR B 95 33.56 1.95 29.90
C TYR B 95 32.16 1.36 30.10
N ASN B 96 31.83 0.30 29.38
CA ASN B 96 30.48 -0.24 29.41
C ASN B 96 30.51 -1.67 29.91
N PRO B 97 29.98 -1.97 31.10
CA PRO B 97 30.01 -3.36 31.59
C PRO B 97 29.24 -4.33 30.72
N LYS B 98 28.32 -3.84 29.89
CA LYS B 98 27.55 -4.66 28.97
C LYS B 98 28.09 -4.63 27.55
N LEU B 99 29.35 -4.22 27.36
CA LEU B 99 29.94 -4.05 26.04
C LEU B 99 31.33 -4.67 26.00
N ASP B 100 31.44 -5.91 26.48
CA ASP B 100 32.75 -6.57 26.53
C ASP B 100 33.21 -6.97 25.14
N VAL B 101 33.72 -6.00 24.39
CA VAL B 101 34.27 -6.24 23.06
C VAL B 101 35.57 -5.46 22.93
N LYS B 102 36.48 -6.00 22.13
CA LYS B 102 37.75 -5.36 21.85
C LYS B 102 37.83 -5.04 20.36
N LEU B 103 38.41 -3.89 20.03
CA LEU B 103 38.38 -3.38 18.66
C LEU B 103 39.32 -4.23 17.83
N LEU B 104 38.81 -5.36 17.35
CA LEU B 104 39.66 -6.37 16.72
C LEU B 104 39.92 -6.06 15.25
N TYR B 105 38.87 -6.03 14.43
CA TYR B 105 39.04 -5.95 12.99
C TYR B 105 38.75 -4.56 12.48
N PRO B 106 39.74 -3.73 12.21
CA PRO B 106 39.48 -2.40 11.65
C PRO B 106 39.18 -2.46 10.16
N VAL B 107 38.18 -1.69 9.74
CA VAL B 107 37.79 -1.62 8.33
C VAL B 107 38.79 -0.69 7.65
N SER B 108 39.80 -1.29 7.02
CA SER B 108 40.81 -0.51 6.33
C SER B 108 40.23 0.10 5.05
N LYS B 109 41.03 0.94 4.39
CA LYS B 109 40.68 1.45 3.08
C LYS B 109 41.76 1.25 2.04
N TYR B 110 43.02 1.04 2.45
CA TYR B 110 44.06 0.68 1.52
C TYR B 110 44.00 -0.79 1.10
N GLN B 111 43.10 -1.57 1.72
CA GLN B 111 42.94 -2.97 1.34
C GLN B 111 42.38 -3.12 -0.07
N GLN B 112 41.39 -2.32 -0.44
CA GLN B 112 40.76 -2.42 -1.74
C GLN B 112 41.33 -1.45 -2.77
N ASP B 113 42.05 -0.42 -2.33
CA ASP B 113 42.70 0.50 -3.25
C ASP B 113 43.91 -0.11 -3.93
N GLN B 114 44.48 -1.18 -3.36
CA GLN B 114 45.57 -1.91 -4.00
C GLN B 114 45.08 -3.08 -4.83
N VAL B 115 43.86 -3.57 -4.58
CA VAL B 115 43.28 -4.62 -5.39
C VAL B 115 43.10 -4.20 -6.84
N VAL B 116 42.93 -2.89 -7.08
CA VAL B 116 42.80 -2.41 -8.45
C VAL B 116 44.11 -2.64 -9.21
N LYS B 117 43.99 -2.80 -10.52
CA LYS B 117 45.13 -3.00 -11.41
C LYS B 117 45.22 -1.83 -12.38
N GLU B 118 46.06 -1.96 -13.40
CA GLU B 118 46.27 -0.94 -14.44
C GLU B 118 46.60 0.43 -13.81
N ASP B 119 47.80 0.48 -13.22
CA ASP B 119 48.25 1.66 -12.49
C ASP B 119 48.17 2.92 -13.35
N ASN B 120 48.61 2.84 -14.61
CA ASN B 120 48.50 3.97 -15.50
C ASN B 120 47.04 4.22 -15.86
N ILE B 121 46.69 5.51 -15.98
CA ILE B 121 45.30 5.89 -16.22
C ILE B 121 44.86 5.52 -17.63
N GLU B 122 45.81 5.28 -18.55
CA GLU B 122 45.45 4.91 -19.91
C GLU B 122 44.72 3.57 -19.96
N ALA B 123 45.09 2.63 -19.09
CA ALA B 123 44.37 1.36 -19.00
C ALA B 123 43.17 1.43 -18.08
N VAL B 124 43.03 2.49 -17.29
CA VAL B 124 41.90 2.59 -16.37
C VAL B 124 40.61 2.87 -17.12
N GLY B 125 40.68 3.67 -18.18
CA GLY B 125 39.48 3.95 -18.96
C GLY B 125 39.09 2.80 -19.86
N LYS B 126 40.04 1.90 -20.16
CA LYS B 126 39.73 0.77 -21.03
C LYS B 126 39.40 -0.48 -20.23
N LYS B 127 40.00 -0.63 -19.04
CA LYS B 127 39.54 -1.65 -18.11
C LYS B 127 38.21 -1.27 -17.48
N LEU B 128 37.77 -0.04 -17.70
CA LEU B 128 36.47 0.43 -17.25
C LEU B 128 35.36 0.17 -18.26
N HIS B 129 35.60 0.47 -19.53
CA HIS B 129 34.59 0.26 -20.55
C HIS B 129 34.34 -1.22 -20.78
N GLU B 130 35.29 -2.08 -20.41
CA GLU B 130 35.12 -3.52 -20.47
C GLU B 130 34.26 -4.08 -19.34
N TYR B 131 33.99 -3.27 -18.30
CA TYR B 131 33.20 -3.73 -17.18
C TYR B 131 31.88 -2.97 -17.03
N ASN B 132 31.59 -2.03 -17.92
CA ASN B 132 30.29 -1.38 -17.97
C ASN B 132 29.46 -1.87 -19.14
N THR B 133 30.08 -2.55 -20.11
CA THR B 133 29.32 -3.20 -21.17
C THR B 133 28.68 -4.48 -20.68
N GLN B 134 29.26 -5.11 -19.66
CA GLN B 134 28.72 -6.36 -19.15
C GLN B 134 27.72 -6.13 -18.02
N PHE B 135 27.99 -5.16 -17.15
CA PHE B 135 27.01 -4.84 -16.12
C PHE B 135 25.75 -4.25 -16.73
N GLN B 136 25.88 -3.54 -17.86
CA GLN B 136 24.73 -3.07 -18.63
C GLN B 136 24.14 -4.17 -19.51
N GLU B 137 24.76 -5.34 -19.52
CA GLU B 137 24.23 -6.53 -20.17
C GLU B 137 23.59 -7.48 -19.18
N LYS B 138 24.10 -7.53 -17.94
CA LYS B 138 23.40 -8.26 -16.88
C LYS B 138 22.09 -7.55 -16.53
N SER B 139 22.01 -6.26 -16.82
CA SER B 139 20.73 -5.55 -16.68
C SER B 139 19.69 -6.13 -17.63
N ARG B 140 19.99 -6.16 -18.93
CA ARG B 140 19.05 -6.69 -19.91
C ARG B 140 18.93 -8.21 -19.79
N GLU B 141 20.05 -8.90 -19.56
CA GLU B 141 20.03 -10.35 -19.51
C GLU B 141 19.23 -10.87 -18.31
N TYR B 142 19.07 -10.04 -17.27
CA TYR B 142 18.34 -10.44 -16.08
C TYR B 142 16.85 -10.13 -16.16
N ASP B 143 16.47 -9.05 -16.84
CA ASP B 143 15.07 -8.71 -17.01
C ASP B 143 14.45 -9.37 -18.24
N ARG B 144 15.27 -9.80 -19.21
CA ARG B 144 14.77 -10.65 -20.27
C ARG B 144 14.34 -12.00 -19.72
N LEU B 145 14.97 -12.44 -18.63
CA LEU B 145 14.62 -13.69 -17.97
C LEU B 145 13.96 -13.46 -16.61
N TYR B 146 13.21 -12.37 -16.45
CA TYR B 146 12.39 -12.15 -15.27
C TYR B 146 10.93 -11.92 -15.59
N GLU B 147 10.63 -11.16 -16.64
CA GLU B 147 9.24 -11.06 -17.09
C GLU B 147 8.75 -12.40 -17.60
N GLU B 148 9.60 -13.12 -18.35
CA GLU B 148 9.33 -14.49 -18.74
C GLU B 148 9.11 -15.39 -17.54
N TYR B 149 9.67 -15.07 -16.39
CA TYR B 149 9.41 -15.79 -15.15
C TYR B 149 8.10 -15.37 -14.51
N THR B 150 7.91 -14.07 -14.27
CA THR B 150 6.67 -13.58 -13.68
C THR B 150 5.47 -13.81 -14.57
N ARG B 151 5.68 -13.92 -15.89
CA ARG B 151 4.57 -14.19 -16.79
C ARG B 151 4.12 -15.65 -16.66
N THR B 152 5.08 -16.59 -16.78
CA THR B 152 4.76 -18.00 -16.68
C THR B 152 4.14 -18.35 -15.34
N SER B 153 4.48 -17.61 -14.29
CA SER B 153 3.80 -17.79 -13.01
C SER B 153 2.34 -17.37 -13.08
N GLN B 154 2.00 -16.47 -14.02
CA GLN B 154 0.61 -16.08 -14.20
C GLN B 154 -0.18 -17.14 -14.94
N GLU B 155 0.47 -17.92 -15.79
CA GLU B 155 -0.19 -18.97 -16.56
C GLU B 155 -0.46 -20.22 -15.74
N ILE B 156 0.49 -20.62 -14.90
CA ILE B 156 0.31 -21.83 -14.10
C ILE B 156 -0.87 -21.68 -13.15
N GLN B 157 -1.11 -20.48 -12.63
CA GLN B 157 -2.22 -20.25 -11.72
C GLN B 157 -3.56 -20.33 -12.42
N MET B 158 -3.61 -20.10 -13.73
CA MET B 158 -4.84 -20.24 -14.48
C MET B 158 -5.11 -21.69 -14.83
N LYS B 159 -4.13 -22.35 -15.45
CA LYS B 159 -4.26 -23.77 -15.79
C LYS B 159 -4.51 -24.62 -14.56
N ARG B 160 -3.94 -24.26 -13.42
CA ARG B 160 -4.15 -25.04 -12.20
C ARG B 160 -5.56 -24.84 -11.66
N THR B 161 -6.24 -23.78 -12.08
CA THR B 161 -7.63 -23.55 -11.67
C THR B 161 -8.62 -24.23 -12.60
N ALA B 162 -8.27 -24.39 -13.88
CA ALA B 162 -9.15 -25.12 -14.79
C ALA B 162 -9.27 -26.58 -14.37
N ILE B 163 -8.24 -27.14 -13.74
CA ILE B 163 -8.29 -28.53 -13.31
C ILE B 163 -9.29 -28.71 -12.18
N GLU B 164 -9.43 -27.69 -11.32
CA GLU B 164 -10.51 -27.73 -10.35
C GLU B 164 -11.87 -27.51 -11.01
N ALA B 165 -11.89 -27.02 -12.25
CA ALA B 165 -13.14 -26.93 -12.99
C ALA B 165 -13.55 -28.30 -13.53
N PHE B 166 -12.63 -28.99 -14.18
CA PHE B 166 -12.94 -30.31 -14.73
C PHE B 166 -13.14 -31.35 -13.64
N ASN B 167 -12.46 -31.21 -12.51
CA ASN B 167 -12.67 -32.14 -11.40
C ASN B 167 -14.01 -31.94 -10.72
N GLU B 168 -14.69 -30.82 -10.97
CA GLU B 168 -16.05 -30.59 -10.51
C GLU B 168 -17.08 -31.02 -11.54
N THR B 169 -16.87 -30.67 -12.81
CA THR B 169 -17.79 -31.07 -13.86
C THR B 169 -17.90 -32.59 -13.96
N ILE B 170 -16.76 -33.27 -14.09
CA ILE B 170 -16.73 -34.72 -14.19
C ILE B 170 -17.39 -35.41 -12.99
N LYS B 171 -17.40 -34.77 -11.83
CA LYS B 171 -18.09 -35.30 -10.67
C LYS B 171 -19.58 -34.98 -10.69
N ILE B 172 -20.01 -34.03 -11.52
CA ILE B 172 -21.43 -33.75 -11.64
C ILE B 172 -22.12 -34.71 -12.61
N PHE B 173 -21.37 -35.30 -13.54
CA PHE B 173 -21.95 -36.28 -14.45
C PHE B 173 -22.04 -37.65 -13.77
N GLU B 174 -20.95 -38.06 -13.11
CA GLU B 174 -20.93 -39.38 -12.47
C GLU B 174 -21.95 -39.51 -11.36
N GLU B 175 -22.36 -38.39 -10.75
CA GLU B 175 -23.41 -38.42 -9.73
C GLU B 175 -24.79 -38.65 -10.32
N GLN B 176 -24.92 -38.64 -11.65
CA GLN B 176 -26.18 -38.93 -12.31
C GLN B 176 -26.25 -40.36 -12.83
N CYS B 177 -25.12 -40.91 -13.31
CA CYS B 177 -25.11 -42.29 -13.79
C CYS B 177 -25.52 -43.26 -12.70
N GLN B 178 -25.19 -42.97 -11.44
CA GLN B 178 -25.57 -43.85 -10.34
C GLN B 178 -27.01 -43.60 -9.90
N THR B 179 -27.53 -42.40 -10.11
CA THR B 179 -28.93 -42.13 -9.82
C THR B 179 -29.84 -42.45 -11.01
N GLN B 180 -29.27 -42.48 -12.22
CA GLN B 180 -30.00 -42.98 -13.38
C GLN B 180 -30.28 -44.47 -13.22
N GLU B 181 -29.25 -45.24 -12.86
CA GLU B 181 -29.39 -46.69 -12.71
C GLU B 181 -30.40 -47.07 -11.64
N ARG B 182 -30.63 -46.21 -10.65
CA ARG B 182 -31.62 -46.49 -9.62
C ARG B 182 -33.01 -46.60 -10.23
N TYR B 183 -33.35 -45.70 -11.16
CA TYR B 183 -34.69 -45.68 -11.73
C TYR B 183 -34.83 -46.69 -12.86
N SER B 184 -33.81 -46.79 -13.71
CA SER B 184 -33.88 -47.53 -14.97
C SER B 184 -34.06 -49.04 -14.79
N LYS B 185 -34.01 -49.58 -13.58
CA LYS B 185 -34.04 -51.02 -13.40
C LYS B 185 -35.44 -51.57 -13.13
N GLU B 186 -36.32 -50.76 -12.53
CA GLU B 186 -37.60 -51.28 -12.08
C GLU B 186 -38.81 -50.46 -12.49
N TYR B 187 -38.67 -49.18 -12.82
CA TYR B 187 -39.85 -48.35 -13.06
C TYR B 187 -40.32 -48.42 -14.51
N ILE B 188 -39.41 -48.62 -15.47
CA ILE B 188 -39.73 -48.42 -16.88
C ILE B 188 -39.32 -49.58 -17.76
N GLU B 189 -38.52 -50.54 -17.27
CA GLU B 189 -38.13 -51.67 -18.09
C GLU B 189 -38.60 -53.01 -17.54
N LYS B 190 -38.50 -53.23 -16.22
CA LYS B 190 -39.02 -54.45 -15.64
C LYS B 190 -40.55 -54.47 -15.69
N PHE B 191 -41.17 -53.31 -15.42
CA PHE B 191 -42.62 -53.23 -15.45
C PHE B 191 -43.16 -53.27 -16.87
N LYS B 192 -42.32 -52.96 -17.86
CA LYS B 192 -42.75 -52.86 -19.26
C LYS B 192 -42.33 -54.09 -20.06
N ARG B 193 -42.43 -55.28 -19.47
CA ARG B 193 -42.07 -56.53 -20.17
C ARG B 193 -43.21 -56.92 -21.11
N GLU B 194 -43.26 -56.28 -22.27
CA GLU B 194 -44.17 -56.66 -23.34
C GLU B 194 -43.42 -56.75 -24.67
N GLY B 195 -42.11 -56.96 -24.61
CA GLY B 195 -41.31 -57.08 -25.82
C GLY B 195 -41.30 -55.86 -26.69
N ASN B 196 -41.41 -54.67 -26.11
CA ASN B 196 -41.42 -53.42 -26.86
C ASN B 196 -39.99 -52.95 -27.12
N GLU B 197 -39.82 -52.17 -28.17
CA GLU B 197 -38.51 -51.65 -28.55
C GLU B 197 -38.30 -50.20 -28.12
N LYS B 198 -39.21 -49.64 -27.33
CA LYS B 198 -39.04 -48.26 -26.87
C LYS B 198 -37.82 -48.13 -25.97
N GLU B 199 -37.50 -49.17 -25.20
CA GLU B 199 -36.36 -49.10 -24.30
C GLU B 199 -35.05 -48.98 -25.07
N ILE B 200 -35.01 -49.50 -26.29
CA ILE B 200 -33.83 -49.32 -27.13
C ILE B 200 -33.74 -47.88 -27.63
N GLN B 201 -34.87 -47.19 -27.68
CA GLN B 201 -34.89 -45.79 -28.07
C GLN B 201 -34.95 -44.84 -26.88
N ARG B 202 -35.52 -45.29 -25.76
CA ARG B 202 -35.72 -44.42 -24.60
C ARG B 202 -34.49 -44.41 -23.68
N ILE B 203 -34.12 -45.59 -23.17
CA ILE B 203 -32.99 -45.67 -22.24
C ILE B 203 -31.71 -46.00 -23.00
N MET B 204 -31.81 -46.88 -24.00
CA MET B 204 -30.64 -47.23 -24.79
C MET B 204 -30.12 -46.07 -25.61
N HIS B 205 -30.96 -45.07 -25.89
CA HIS B 205 -30.52 -43.89 -26.62
C HIS B 205 -30.33 -42.68 -25.71
N ASN B 206 -30.60 -42.82 -24.41
CA ASN B 206 -30.35 -41.76 -23.44
C ASN B 206 -29.14 -42.09 -22.57
N TYR B 207 -29.01 -43.34 -22.14
CA TYR B 207 -27.87 -43.74 -21.33
C TYR B 207 -26.58 -43.73 -22.14
N ASP B 208 -26.68 -43.78 -23.47
CA ASP B 208 -25.49 -43.77 -24.30
C ASP B 208 -24.88 -42.38 -24.42
N LYS B 209 -25.71 -41.34 -24.52
CA LYS B 209 -25.19 -39.99 -24.65
C LYS B 209 -24.67 -39.47 -23.32
N LEU B 210 -25.18 -39.98 -22.20
CA LEU B 210 -24.60 -39.65 -20.92
C LEU B 210 -23.20 -40.21 -20.78
N LYS B 211 -23.00 -41.45 -21.23
CA LYS B 211 -21.68 -42.08 -21.20
C LYS B 211 -20.75 -41.56 -22.29
N SER B 212 -21.29 -40.95 -23.34
CA SER B 212 -20.47 -40.28 -24.35
C SER B 212 -20.05 -38.88 -23.91
N ARG B 213 -20.61 -38.39 -22.80
CA ARG B 213 -20.26 -37.09 -22.23
C ARG B 213 -19.36 -37.21 -21.01
N ILE B 214 -19.65 -38.15 -20.11
CA ILE B 214 -18.87 -38.26 -18.87
C ILE B 214 -17.41 -38.61 -19.19
N SER B 215 -17.20 -39.39 -20.25
CA SER B 215 -15.84 -39.67 -20.70
C SER B 215 -15.32 -38.59 -21.63
N GLU B 216 -16.23 -37.88 -22.32
CA GLU B 216 -15.81 -36.82 -23.23
C GLU B 216 -15.11 -35.68 -22.48
N ILE B 217 -15.49 -35.46 -21.23
CA ILE B 217 -14.88 -34.40 -20.42
C ILE B 217 -13.55 -34.86 -19.83
N ILE B 218 -13.47 -36.15 -19.46
CA ILE B 218 -12.24 -36.69 -18.89
C ILE B 218 -11.09 -36.68 -19.89
N ASP B 219 -11.40 -36.54 -21.18
CA ASP B 219 -10.35 -36.51 -22.20
C ASP B 219 -9.74 -35.12 -22.33
N SER B 220 -10.37 -34.10 -21.74
CA SER B 220 -9.82 -32.75 -21.75
C SER B 220 -9.12 -32.37 -20.46
N ARG B 221 -9.53 -32.94 -19.32
CA ARG B 221 -8.73 -32.79 -18.11
C ARG B 221 -7.37 -33.46 -18.26
N ARG B 222 -7.35 -34.71 -18.73
CA ARG B 222 -6.09 -35.39 -19.01
C ARG B 222 -5.28 -34.64 -20.06
N ARG B 223 -5.96 -33.92 -20.94
CA ARG B 223 -5.27 -33.16 -21.98
C ARG B 223 -4.75 -31.83 -21.44
N LEU B 224 -5.49 -31.19 -20.54
CA LEU B 224 -5.04 -29.92 -19.98
C LEU B 224 -3.76 -30.11 -19.16
N GLU B 225 -3.65 -31.23 -18.45
CA GLU B 225 -2.47 -31.47 -17.63
C GLU B 225 -1.21 -31.74 -18.44
N GLU B 226 -1.33 -31.88 -19.77
CA GLU B 226 -0.16 -32.06 -20.60
C GLU B 226 0.69 -30.80 -20.65
N ASP B 227 0.06 -29.65 -20.89
CA ASP B 227 0.80 -28.40 -20.89
C ASP B 227 1.10 -27.88 -19.50
N LEU B 228 0.30 -28.27 -18.50
CA LEU B 228 0.63 -27.88 -17.13
C LEU B 228 1.91 -28.55 -16.67
N LYS B 229 2.10 -29.81 -17.04
CA LYS B 229 3.35 -30.49 -16.69
C LYS B 229 4.50 -30.01 -17.57
N LYS B 230 4.22 -29.71 -18.84
CA LYS B 230 5.23 -29.12 -19.71
C LYS B 230 5.58 -27.71 -19.27
N GLN B 231 4.70 -27.03 -18.53
CA GLN B 231 4.92 -25.64 -18.17
C GLN B 231 5.53 -25.52 -16.78
N ALA B 232 5.10 -26.37 -15.84
CA ALA B 232 5.71 -26.38 -14.52
C ALA B 232 7.15 -26.85 -14.56
N ALA B 233 7.52 -27.65 -15.57
CA ALA B 233 8.91 -28.05 -15.73
C ALA B 233 9.76 -26.91 -16.28
N GLU B 234 9.22 -26.16 -17.24
CA GLU B 234 9.94 -25.00 -17.77
C GLU B 234 9.96 -23.85 -16.79
N TYR B 235 9.04 -23.81 -15.83
CA TYR B 235 9.05 -22.78 -14.80
C TYR B 235 10.24 -22.95 -13.86
N ARG B 236 10.75 -24.18 -13.73
CA ARG B 236 11.95 -24.39 -12.93
C ARG B 236 13.22 -24.17 -13.73
N GLU B 237 13.15 -24.33 -15.05
CA GLU B 237 14.33 -24.12 -15.88
C GLU B 237 14.68 -22.64 -15.99
N ILE B 238 13.66 -21.77 -15.93
CA ILE B 238 13.91 -20.34 -15.95
C ILE B 238 14.12 -19.80 -14.53
N ASP B 239 13.74 -20.56 -13.51
CA ASP B 239 14.06 -20.18 -12.14
C ASP B 239 15.47 -20.59 -11.77
N LYS B 240 16.05 -21.55 -12.50
CA LYS B 240 17.43 -21.93 -12.27
C LYS B 240 18.39 -21.02 -13.03
N ARG B 241 17.97 -20.53 -14.19
CA ARG B 241 18.83 -19.64 -14.97
C ARG B 241 19.05 -18.31 -14.28
N MET B 242 18.09 -17.88 -13.45
CA MET B 242 18.26 -16.63 -12.72
C MET B 242 19.30 -16.77 -11.61
N ASN B 243 19.34 -17.92 -10.95
CA ASN B 243 20.28 -18.11 -9.85
C ASN B 243 21.72 -18.18 -10.34
N SER B 244 21.94 -18.68 -11.55
CA SER B 244 23.26 -18.65 -12.17
C SER B 244 23.61 -17.29 -12.75
N ILE B 245 22.71 -16.32 -12.62
CA ILE B 245 22.93 -14.96 -13.12
C ILE B 245 22.93 -13.91 -12.03
N LYS B 246 22.21 -14.12 -10.92
CA LYS B 246 22.09 -13.07 -9.92
C LYS B 246 23.38 -12.83 -9.15
N PRO B 247 24.10 -13.86 -8.66
CA PRO B 247 25.37 -13.58 -7.98
C PRO B 247 26.42 -12.96 -8.89
N ASP B 248 26.49 -13.36 -10.16
CA ASP B 248 27.42 -12.71 -11.08
C ASP B 248 26.98 -11.28 -11.36
N LEU B 249 25.70 -10.98 -11.16
CA LEU B 249 25.20 -9.62 -11.25
C LEU B 249 25.51 -8.81 -10.00
N ILE B 250 26.04 -9.45 -8.96
CA ILE B 250 26.43 -8.74 -7.75
C ILE B 250 27.92 -8.41 -7.74
N GLN B 251 28.74 -9.17 -8.46
CA GLN B 251 30.17 -8.94 -8.52
C GLN B 251 30.54 -7.76 -9.43
N LEU B 252 29.88 -7.64 -10.57
CA LEU B 252 30.15 -6.55 -11.50
C LEU B 252 29.74 -5.19 -10.95
N ARG B 253 28.96 -5.16 -9.87
CA ARG B 253 28.67 -3.91 -9.17
C ARG B 253 29.72 -3.59 -8.11
N LYS B 254 30.59 -4.54 -7.80
CA LYS B 254 31.75 -4.29 -6.97
C LYS B 254 33.01 -4.02 -7.77
N THR B 255 32.97 -4.21 -9.09
CA THR B 255 34.14 -3.99 -9.93
C THR B 255 34.08 -2.69 -10.70
N ARG B 256 32.89 -2.25 -11.11
CA ARG B 256 32.74 -0.93 -11.72
C ARG B 256 32.99 0.18 -10.71
N ASP B 257 32.30 0.11 -9.57
CA ASP B 257 32.44 1.14 -8.56
C ASP B 257 33.86 1.23 -8.02
N GLN B 258 34.57 0.11 -7.99
CA GLN B 258 35.97 0.14 -7.57
C GLN B 258 36.88 0.63 -8.68
N TYR B 259 36.35 0.81 -9.89
CA TYR B 259 37.06 1.46 -10.97
C TYR B 259 36.54 2.87 -11.27
N LEU B 260 35.39 3.24 -10.72
CA LEU B 260 34.88 4.61 -10.79
C LEU B 260 35.36 5.46 -9.62
N MET B 261 36.22 4.93 -8.77
CA MET B 261 36.65 5.64 -7.57
C MET B 261 38.17 5.69 -7.50
N TRP B 262 38.84 4.66 -8.04
CA TRP B 262 40.28 4.56 -7.89
C TRP B 262 41.01 5.71 -8.58
N LEU B 263 40.64 6.01 -9.83
CA LEU B 263 41.17 7.18 -10.54
C LEU B 263 40.10 8.05 -11.16
N THR B 264 38.91 7.52 -11.43
CA THR B 264 37.91 8.27 -12.19
C THR B 264 37.43 9.49 -11.42
N GLN B 265 37.46 9.45 -10.09
CA GLN B 265 37.08 10.61 -9.30
C GLN B 265 38.18 11.09 -8.37
N LYS B 266 38.90 10.17 -7.72
CA LYS B 266 40.01 10.58 -6.87
C LYS B 266 41.14 11.22 -7.68
N GLY B 267 41.24 10.91 -8.96
CA GLY B 267 42.24 11.52 -9.81
C GLY B 267 41.74 12.80 -10.45
N VAL B 268 40.43 12.97 -10.53
CA VAL B 268 39.85 14.17 -11.14
C VAL B 268 38.37 14.29 -10.77
N ARG B 269 37.91 15.53 -10.57
CA ARG B 269 36.52 15.82 -10.23
C ARG B 269 35.80 16.21 -11.51
N GLN B 270 35.43 15.21 -12.31
CA GLN B 270 34.91 15.44 -13.65
C GLN B 270 33.39 15.37 -13.69
N LYS B 271 32.82 16.21 -14.56
CA LYS B 271 31.48 15.98 -15.10
C LYS B 271 31.55 15.23 -16.42
N LYS B 272 32.70 14.64 -16.72
CA LYS B 272 32.95 13.88 -17.93
C LYS B 272 32.60 12.40 -17.74
N LEU B 273 31.69 12.09 -16.83
CA LEU B 273 31.46 10.71 -16.42
C LEU B 273 30.86 9.88 -17.55
N ASN B 274 29.96 10.47 -18.34
CA ASN B 274 29.14 9.70 -19.28
C ASN B 274 29.74 9.61 -20.67
N GLU B 275 31.06 9.62 -20.81
CA GLU B 275 31.71 9.31 -22.08
C GLU B 275 32.87 8.33 -21.93
N TRP B 276 33.44 8.20 -20.73
CA TRP B 276 34.55 7.28 -20.51
C TRP B 276 34.12 5.94 -19.93
N LEU B 277 32.82 5.71 -19.79
CA LEU B 277 32.31 4.47 -19.23
C LEU B 277 32.52 3.32 -20.21
C10 UJ3 C . 16.98 12.46 -5.65
C15 UJ3 C . 18.42 12.82 -5.26
C17 UJ3 C . 14.58 11.61 -6.82
C20 UJ3 C . 10.68 11.61 0.50
C21 UJ3 C . 12.46 13.02 -0.61
C24 UJ3 C . 8.39 9.30 -3.32
C26 UJ3 C . 6.27 8.30 -3.93
C28 UJ3 C . 5.61 9.24 -3.13
C01 UJ3 C . 10.95 8.89 -3.85
C02 UJ3 C . 9.79 9.61 -3.18
C03 UJ3 C . 9.89 10.69 -2.33
C04 UJ3 C . 11.22 11.33 -1.93
C06 UJ3 C . 12.96 11.69 -3.72
C08 UJ3 C . 14.58 12.23 -5.58
C09 UJ3 C . 15.76 12.66 -4.99
C11 UJ3 C . 17.00 11.84 -6.88
C12 UJ3 C . 18.46 11.76 -7.35
C16 UJ3 C . 15.79 11.42 -7.48
C19 UJ3 C . 11.12 12.30 -0.79
C23 UJ3 C . 7.74 10.23 -2.52
C25 UJ3 C . 7.66 8.34 -4.02
C29 UJ3 C . 6.34 10.20 -2.43
F27 UJ3 C . 5.56 7.36 -4.61
N05 UJ3 C . 11.71 12.03 -3.08
N07 UJ3 C . 13.34 12.47 -4.86
N14 UJ3 C . 19.29 12.37 -6.32
O13 UJ3 C . 18.84 11.30 -8.37
O18 UJ3 C . 13.66 10.81 -3.31
O22 UJ3 C . 8.67 11.04 -1.95
H151 UJ3 C . 18.66 12.38 -4.44
H152 UJ3 C . 18.50 13.78 -5.16
H171 UJ3 C . 13.78 11.32 -7.20
H201 UJ3 C . 10.14 10.82 0.28
H203 UJ3 C . 10.16 12.20 1.04
H202 UJ3 C . 11.47 11.32 0.99
H212 UJ3 C . 12.38 13.95 -0.88
H213 UJ3 C . 13.14 12.59 -1.17
H211 UJ3 C . 12.76 12.97 0.31
H281 UJ3 C . 4.68 9.23 -3.07
H011 UJ3 C . 10.63 8.08 -4.27
H012 UJ3 C . 11.63 8.68 -3.19
H013 UJ3 C . 11.33 9.48 -4.53
H041 UJ3 C . 11.84 10.62 -1.69
H091 UJ3 C . 15.74 13.08 -4.16
H161 UJ3 C . 15.81 10.99 -8.31
H191 UJ3 C . 10.46 12.98 -1.01
H251 UJ3 C . 8.10 7.71 -4.55
H291 UJ3 C . 5.89 10.83 -1.90
H051 UJ3 C . 11.24 12.67 -3.40
H071 UJ3 C . 12.82 13.09 -5.13
H141 UJ3 C . 20.14 12.46 -6.35
#